data_4BIQ
#
_entry.id   4BIQ
#
_cell.length_a   1.000
_cell.length_b   1.000
_cell.length_c   1.000
_cell.angle_alpha   90.00
_cell.angle_beta   90.00
_cell.angle_gamma   90.00
#
_symmetry.space_group_name_H-M   'P 1'
#
loop_
_entity.id
_entity.type
_entity.pdbx_description
1 polymer VP1
2 polymer VP2
3 polymer VP3
#
loop_
_entity_poly.entity_id
_entity_poly.type
_entity_poly.pdbx_seq_one_letter_code
_entity_poly.pdbx_strand_id
1 'polypeptide(L)'
;TEETSITNFYSRAGLVGVVNMPVQGTSNTKGFAKWGIDIMGFVQMRRKLELMTYMRFSAEFTFVASTPEGETTNLILQYM
YAPPGAPLPTRRDSYEWQTSTNPSIISKMADPPAQVSVPFLSPASAYQWFYDGYPTFGKHPIDQDFQYGMCPNNMMGTFC
VRMIGGGKPTQSVTIRIYMRLKHIRAWVPRPLRSQNYTMRNYPN
;
A
2 'polypeptide(L)'
;SPTAEACGYSDRVAQLTVGNSTITTQEAANVIVAYGEWPQYCPDTDATAVDKPTRPDVSVNRFYTLDTKDWSSSSKGWYW
KFPDILAETGVFGQNAQFHFLYRSGFCIHVQCNASKFHQGALLVAVLPEYVTGTVSGNTGHENTHPPYAATQPGATGFEL
TNPYILDAGIPLSQLLVCPHQWINLRTNNCATIVVPYINSVPFDSALNHCNFGLVVIPVSPLGFLQGATPTIPITITVAP
MNSEFSGLRQAVTQ
;
B
3 'polypeptide(L)'
;RNLLELCQIDTIMEVNNLTTNEATPMERLRIPVQVQTQSGELCAAFKADPGLDGPWQSTMVGQLCRYYTQWSGSLKITFM
FTGSFMATGKMLIAYTPPGGSLPANRMQAMLGTHVIWDFGLQSSVTLVVPWISNTHYRSQATGSFFDYYATGIVSLWYQT
NFVVPIGAPTTAYIVVLGSAQKNFTMRLCRDTSELTQAAEYQ
;
C
#
# COMPACT_ATOMS: atom_id res chain seq x y z
N THR A 1 9.03 1.21 -20.61
CA THR A 1 10.38 0.61 -20.94
C THR A 1 10.57 -0.73 -20.34
N GLU A 2 11.88 -1.06 -20.47
CA GLU A 2 12.59 -2.21 -20.03
C GLU A 2 12.73 -2.04 -18.57
N GLU A 3 13.09 -0.80 -18.19
CA GLU A 3 13.47 -0.44 -16.87
C GLU A 3 12.30 -0.68 -15.99
N THR A 4 11.09 -0.43 -16.53
CA THR A 4 9.91 -0.40 -15.74
C THR A 4 9.75 -1.72 -15.07
N SER A 5 9.97 -2.82 -15.81
CA SER A 5 9.61 -4.11 -15.29
C SER A 5 10.44 -4.39 -14.08
N ILE A 6 9.97 -5.35 -13.27
CA ILE A 6 10.55 -5.63 -11.98
C ILE A 6 11.96 -6.08 -12.18
N THR A 7 12.17 -7.00 -13.14
CA THR A 7 13.46 -7.61 -13.26
C THR A 7 14.45 -6.52 -13.55
N ASN A 8 14.11 -5.62 -14.48
CA ASN A 8 15.03 -4.61 -14.87
C ASN A 8 15.35 -3.77 -13.68
N PHE A 9 14.30 -3.37 -12.93
CA PHE A 9 14.48 -2.49 -11.82
C PHE A 9 15.35 -3.20 -10.83
N TYR A 10 14.98 -4.44 -10.52
CA TYR A 10 15.58 -5.20 -9.46
C TYR A 10 17.00 -5.53 -9.81
N SER A 11 17.25 -5.82 -11.09
CA SER A 11 18.38 -6.62 -11.49
C SER A 11 19.64 -5.99 -11.00
N ARG A 12 19.63 -4.66 -10.78
CA ARG A 12 20.84 -4.02 -10.35
C ARG A 12 21.27 -4.66 -9.07
N ALA A 13 22.59 -4.78 -8.89
CA ALA A 13 23.13 -5.40 -7.73
C ALA A 13 22.94 -4.47 -6.59
N GLY A 14 22.93 -5.02 -5.36
CA GLY A 14 22.77 -4.18 -4.21
C GLY A 14 23.70 -4.69 -3.15
N LEU A 15 23.99 -3.83 -2.15
CA LEU A 15 24.83 -4.26 -1.07
C LEU A 15 23.92 -4.59 0.07
N VAL A 16 23.65 -5.89 0.27
CA VAL A 16 22.75 -6.30 1.30
C VAL A 16 23.35 -6.01 2.63
N GLY A 17 24.66 -6.25 2.80
CA GLY A 17 25.22 -5.95 4.08
C GLY A 17 26.70 -6.14 4.03
N VAL A 18 27.40 -5.55 5.02
CA VAL A 18 28.80 -5.74 5.17
C VAL A 18 29.01 -6.24 6.56
N VAL A 19 30.01 -7.12 6.74
CA VAL A 19 30.32 -7.57 8.07
C VAL A 19 31.76 -7.28 8.30
N ASN A 20 32.14 -6.98 9.55
CA ASN A 20 33.51 -6.67 9.80
C ASN A 20 34.08 -7.74 10.67
N MET A 21 35.30 -8.20 10.34
CA MET A 21 36.03 -9.00 11.28
C MET A 21 37.38 -8.37 11.40
N PRO A 22 37.55 -7.50 12.34
CA PRO A 22 38.79 -6.83 12.54
C PRO A 22 39.80 -7.83 12.96
N VAL A 23 41.02 -7.79 12.40
CA VAL A 23 42.02 -8.71 12.83
C VAL A 23 42.32 -8.43 14.26
N GLN A 24 42.77 -7.19 14.51
CA GLN A 24 43.25 -6.77 15.79
C GLN A 24 42.10 -6.73 16.73
N GLY A 25 40.92 -6.31 16.21
CA GLY A 25 39.86 -5.92 17.07
C GLY A 25 39.49 -7.08 17.93
N THR A 26 39.14 -6.78 19.19
CA THR A 26 38.72 -7.79 20.11
C THR A 26 37.48 -8.38 19.53
N SER A 27 36.59 -7.52 19.00
CA SER A 27 35.43 -8.05 18.36
C SER A 27 35.89 -8.80 17.16
N ASN A 28 35.23 -9.94 16.88
CA ASN A 28 35.60 -10.79 15.81
C ASN A 28 37.01 -11.22 16.04
N THR A 29 37.49 -11.12 17.29
CA THR A 29 38.70 -11.81 17.64
C THR A 29 38.35 -13.24 17.49
N LYS A 30 37.19 -13.61 18.08
CA LYS A 30 36.70 -14.92 17.87
C LYS A 30 36.37 -14.98 16.43
N GLY A 31 36.40 -16.20 15.88
CA GLY A 31 36.39 -16.39 14.47
C GLY A 31 35.18 -15.75 13.93
N PHE A 32 34.15 -15.65 14.79
CA PHE A 32 32.82 -15.38 14.38
C PHE A 32 32.74 -14.24 13.44
N ALA A 33 32.21 -14.55 12.25
CA ALA A 33 31.18 -13.75 11.66
C ALA A 33 30.17 -14.71 11.16
N LYS A 34 28.91 -14.52 11.57
CA LYS A 34 27.81 -15.13 10.90
C LYS A 34 26.90 -14.00 10.61
N TRP A 35 26.06 -14.10 9.58
CA TRP A 35 25.04 -13.11 9.50
C TRP A 35 23.76 -13.84 9.26
N GLY A 36 22.68 -13.37 9.89
CA GLY A 36 21.41 -13.80 9.43
C GLY A 36 21.27 -13.10 8.13
N ILE A 37 20.46 -13.65 7.21
CA ILE A 37 20.38 -13.02 5.94
C ILE A 37 19.00 -12.52 5.78
N ASP A 38 18.89 -11.19 5.59
CA ASP A 38 17.64 -10.57 5.34
C ASP A 38 17.71 -10.06 3.95
N ILE A 39 16.59 -10.17 3.21
CA ILE A 39 16.53 -9.49 1.95
C ILE A 39 16.69 -8.05 2.30
N MET A 40 16.01 -7.66 3.40
CA MET A 40 16.04 -6.32 3.91
C MET A 40 17.40 -6.07 4.48
N GLY A 41 17.54 -4.93 5.18
CA GLY A 41 18.79 -4.53 5.73
C GLY A 41 19.25 -3.34 4.94
N PHE A 42 18.80 -3.26 3.68
CA PHE A 42 19.08 -2.09 2.90
C PHE A 42 17.93 -1.18 3.12
N VAL A 43 18.21 0.06 3.54
CA VAL A 43 17.11 0.95 3.77
C VAL A 43 16.41 1.15 2.47
N GLN A 44 17.19 1.49 1.42
CA GLN A 44 16.61 1.77 0.14
C GLN A 44 15.97 0.53 -0.38
N MET A 45 16.68 -0.60 -0.27
CA MET A 45 16.19 -1.81 -0.85
C MET A 45 14.92 -2.15 -0.14
N ARG A 46 14.89 -1.88 1.17
CA ARG A 46 13.76 -2.29 1.95
C ARG A 46 12.54 -1.65 1.37
N ARG A 47 12.61 -0.34 1.07
CA ARG A 47 11.43 0.34 0.66
C ARG A 47 10.96 -0.29 -0.62
N LYS A 48 11.88 -0.57 -1.55
CA LYS A 48 11.47 -1.01 -2.85
C LYS A 48 10.76 -2.32 -2.70
N LEU A 49 11.30 -3.22 -1.88
CA LEU A 49 10.72 -4.52 -1.71
C LEU A 49 9.37 -4.35 -1.09
N GLU A 50 9.26 -3.37 -0.17
CA GLU A 50 8.06 -3.17 0.57
C GLU A 50 6.97 -2.87 -0.41
N LEU A 51 7.36 -2.28 -1.55
CA LEU A 51 6.41 -1.77 -2.50
C LEU A 51 5.51 -2.90 -2.90
N MET A 52 6.06 -4.11 -3.14
CA MET A 52 5.20 -5.19 -3.51
C MET A 52 5.08 -6.11 -2.33
N THR A 53 3.85 -6.63 -2.10
CA THR A 53 3.59 -7.37 -0.90
C THR A 53 4.42 -8.60 -0.88
N TYR A 54 4.38 -9.41 -1.96
CA TYR A 54 5.07 -10.67 -1.88
C TYR A 54 5.86 -10.88 -3.13
N MET A 55 6.98 -11.62 -2.99
CA MET A 55 7.80 -11.94 -4.12
C MET A 55 8.39 -13.29 -3.87
N ARG A 56 8.89 -13.93 -4.94
CA ARG A 56 9.65 -15.14 -4.76
C ARG A 56 11.05 -14.79 -5.07
N PHE A 57 12.02 -15.37 -4.34
CA PHE A 57 13.35 -14.90 -4.52
C PHE A 57 14.18 -15.98 -5.13
N SER A 58 14.90 -15.61 -6.21
CA SER A 58 16.05 -16.34 -6.65
C SER A 58 17.12 -15.31 -6.73
N ALA A 59 18.36 -15.66 -6.34
CA ALA A 59 19.29 -14.58 -6.23
C ALA A 59 20.65 -15.06 -6.59
N GLU A 60 21.52 -14.10 -6.97
CA GLU A 60 22.92 -14.32 -7.09
C GLU A 60 23.55 -13.62 -5.93
N PHE A 61 24.57 -14.24 -5.32
CA PHE A 61 25.30 -13.57 -4.29
C PHE A 61 26.65 -13.29 -4.86
N THR A 62 27.20 -12.11 -4.58
CA THR A 62 28.55 -11.85 -4.96
C THR A 62 29.30 -11.55 -3.71
N PHE A 63 30.52 -12.08 -3.58
CA PHE A 63 31.25 -11.86 -2.38
C PHE A 63 32.46 -11.05 -2.74
N VAL A 64 32.74 -10.00 -1.95
CA VAL A 64 33.96 -9.28 -2.13
C VAL A 64 34.51 -9.01 -0.77
N ALA A 65 35.83 -8.88 -0.65
CA ALA A 65 36.39 -8.53 0.61
C ALA A 65 37.18 -7.28 0.42
N SER A 66 37.07 -6.35 1.39
CA SER A 66 37.88 -5.18 1.34
C SER A 66 38.12 -4.74 2.75
N THR A 67 39.27 -4.10 3.00
CA THR A 67 39.53 -3.55 4.29
C THR A 67 39.12 -2.13 4.24
N PRO A 68 39.06 -1.50 5.38
CA PRO A 68 38.74 -0.11 5.49
C PRO A 68 39.80 0.64 4.75
N GLU A 69 41.01 0.07 4.65
CA GLU A 69 42.06 0.67 3.89
C GLU A 69 41.62 0.64 2.47
N GLY A 70 40.97 -0.47 2.07
CA GLY A 70 40.60 -0.66 0.71
C GLY A 70 41.65 -1.51 0.08
N GLU A 71 42.76 -1.72 0.82
CA GLU A 71 43.78 -2.61 0.35
C GLU A 71 43.29 -3.99 0.59
N THR A 72 43.80 -4.96 -0.21
CA THR A 72 43.37 -6.31 -0.03
C THR A 72 44.55 -7.08 0.46
N THR A 73 44.28 -8.13 1.27
CA THR A 73 45.34 -8.94 1.79
C THR A 73 45.01 -10.34 1.44
N ASN A 74 45.93 -11.28 1.73
CA ASN A 74 45.65 -12.63 1.37
C ASN A 74 45.14 -13.34 2.58
N LEU A 75 43.85 -13.71 2.55
CA LEU A 75 43.31 -14.59 3.53
C LEU A 75 42.61 -15.66 2.76
N ILE A 76 42.52 -16.87 3.32
CA ILE A 76 41.70 -17.85 2.68
C ILE A 76 40.47 -17.95 3.51
N LEU A 77 39.33 -17.49 2.94
CA LEU A 77 38.13 -17.43 3.73
C LEU A 77 37.21 -18.47 3.22
N GLN A 78 36.67 -19.30 4.13
CA GLN A 78 35.66 -20.23 3.76
C GLN A 78 34.45 -19.86 4.55
N TYR A 79 33.34 -19.53 3.87
CA TYR A 79 32.16 -19.24 4.62
C TYR A 79 31.09 -20.18 4.16
N MET A 80 30.35 -20.75 5.12
CA MET A 80 29.37 -21.76 4.85
C MET A 80 28.04 -21.16 5.16
N TYR A 81 26.95 -21.81 4.70
CA TYR A 81 25.66 -21.21 4.75
C TYR A 81 24.77 -22.06 5.60
N ALA A 82 24.17 -21.48 6.66
CA ALA A 82 23.37 -22.27 7.55
C ALA A 82 21.91 -22.02 7.30
N PRO A 83 21.10 -23.05 7.35
CA PRO A 83 19.68 -22.88 7.53
C PRO A 83 19.34 -22.55 8.96
N PRO A 84 18.17 -22.01 9.10
CA PRO A 84 17.63 -21.50 10.33
C PRO A 84 17.44 -22.58 11.34
N GLY A 85 17.36 -23.85 10.91
CA GLY A 85 17.15 -24.89 11.86
C GLY A 85 18.33 -24.91 12.77
N ALA A 86 19.53 -24.71 12.17
CA ALA A 86 20.75 -25.15 12.76
C ALA A 86 21.15 -24.34 13.93
N PRO A 87 21.78 -25.05 14.80
CA PRO A 87 22.73 -24.52 15.72
C PRO A 87 23.77 -23.87 14.86
N LEU A 88 24.38 -22.76 15.31
CA LEU A 88 25.41 -22.09 14.58
C LEU A 88 26.70 -22.46 15.23
N PRO A 89 27.81 -22.13 14.64
CA PRO A 89 29.09 -22.32 15.28
C PRO A 89 29.02 -21.54 16.53
N THR A 90 29.68 -22.01 17.60
CA THR A 90 29.87 -21.16 18.74
C THR A 90 31.11 -20.30 18.64
N ARG A 91 32.18 -20.78 17.97
CA ARG A 91 33.43 -20.05 17.98
C ARG A 91 34.11 -20.24 16.65
N ARG A 92 35.31 -19.64 16.45
CA ARG A 92 35.99 -19.74 15.18
C ARG A 92 36.18 -21.20 14.93
N ASP A 93 36.78 -21.86 15.94
CA ASP A 93 37.24 -23.21 15.94
C ASP A 93 36.10 -24.18 16.04
N SER A 94 34.91 -23.65 16.41
CA SER A 94 33.74 -24.41 16.77
C SER A 94 33.57 -25.55 15.83
N TYR A 95 33.08 -26.68 16.37
CA TYR A 95 33.15 -27.90 15.64
C TYR A 95 32.26 -27.88 14.45
N GLU A 96 31.06 -27.29 14.61
CA GLU A 96 30.06 -27.39 13.62
C GLU A 96 30.60 -26.75 12.38
N TRP A 97 31.52 -25.78 12.55
CA TRP A 97 31.98 -25.06 11.41
C TRP A 97 32.57 -26.03 10.46
N GLN A 98 33.31 -27.03 10.98
CA GLN A 98 33.47 -28.17 10.12
C GLN A 98 32.13 -28.83 10.11
N THR A 99 31.29 -28.45 9.13
CA THR A 99 29.97 -29.00 9.03
C THR A 99 29.85 -29.62 7.69
N SER A 100 29.11 -30.75 7.64
CA SER A 100 28.74 -31.31 6.37
C SER A 100 27.65 -30.50 5.75
N THR A 101 26.61 -30.11 6.50
CA THR A 101 25.60 -29.36 5.81
C THR A 101 25.72 -27.93 6.22
N ASN A 102 26.55 -27.17 5.49
CA ASN A 102 26.31 -25.77 5.21
C ASN A 102 27.15 -25.49 4.01
N PRO A 103 26.65 -24.79 3.02
CA PRO A 103 27.32 -24.72 1.76
C PRO A 103 28.67 -24.11 1.95
N SER A 104 29.71 -24.81 1.49
CA SER A 104 31.04 -24.40 1.79
C SER A 104 31.64 -23.91 0.51
N ILE A 105 32.24 -22.70 0.57
CA ILE A 105 32.99 -22.25 -0.55
C ILE A 105 34.31 -21.82 0.01
N ILE A 106 35.39 -22.08 -0.74
CA ILE A 106 36.67 -21.67 -0.24
C ILE A 106 37.19 -20.65 -1.19
N SER A 107 37.60 -19.48 -0.66
CA SER A 107 38.03 -18.44 -1.54
C SER A 107 39.17 -17.73 -0.91
N LYS A 108 39.95 -17.01 -1.74
CA LYS A 108 40.92 -16.10 -1.24
C LYS A 108 40.35 -14.73 -1.44
N MET A 109 41.03 -13.70 -0.92
CA MET A 109 40.45 -12.40 -0.78
C MET A 109 40.13 -11.80 -2.11
N ALA A 110 40.91 -12.14 -3.16
CA ALA A 110 41.01 -11.29 -4.32
C ALA A 110 39.65 -11.05 -4.92
N ASP A 111 38.78 -12.09 -5.03
CA ASP A 111 39.13 -13.47 -4.99
C ASP A 111 39.90 -13.85 -6.22
N PRO A 112 39.60 -13.46 -7.44
CA PRO A 112 38.59 -12.51 -7.83
C PRO A 112 37.23 -13.02 -7.50
N PRO A 113 36.32 -12.13 -7.23
CA PRO A 113 35.35 -12.34 -6.21
C PRO A 113 34.52 -13.55 -6.44
N ALA A 114 34.19 -14.26 -5.34
CA ALA A 114 33.40 -15.45 -5.42
C ALA A 114 31.99 -15.05 -5.71
N GLN A 115 31.26 -15.90 -6.44
CA GLN A 115 29.89 -15.60 -6.73
C GLN A 115 29.12 -16.87 -6.53
N VAL A 116 27.84 -16.75 -6.13
CA VAL A 116 27.03 -17.91 -5.92
C VAL A 116 25.64 -17.57 -6.35
N SER A 117 24.75 -18.58 -6.45
CA SER A 117 23.37 -18.30 -6.71
C SER A 117 22.59 -19.03 -5.66
N VAL A 118 21.54 -18.39 -5.10
CA VAL A 118 20.95 -18.99 -3.95
C VAL A 118 19.46 -18.93 -4.05
N PRO A 119 18.89 -20.04 -3.63
CA PRO A 119 17.47 -20.26 -3.68
C PRO A 119 16.73 -19.50 -2.62
N PHE A 120 15.40 -19.43 -2.77
CA PHE A 120 14.44 -18.85 -1.87
C PHE A 120 14.30 -19.80 -0.71
N LEU A 121 14.33 -19.28 0.54
CA LEU A 121 14.17 -20.18 1.65
C LEU A 121 12.91 -19.81 2.36
N SER A 122 11.82 -20.56 2.13
CA SER A 122 10.67 -20.37 2.97
C SER A 122 9.81 -21.57 2.85
N PRO A 123 9.23 -21.95 3.96
CA PRO A 123 8.27 -23.00 4.03
C PRO A 123 7.05 -22.58 3.27
N ALA A 124 6.93 -21.27 2.96
CA ALA A 124 5.70 -20.77 2.41
C ALA A 124 6.00 -20.27 1.03
N SER A 125 4.92 -20.06 0.25
CA SER A 125 5.03 -19.80 -1.15
C SER A 125 5.69 -18.47 -1.36
N ALA A 126 5.83 -17.64 -0.31
CA ALA A 126 6.45 -16.37 -0.54
C ALA A 126 7.10 -15.87 0.70
N TYR A 127 7.79 -14.71 0.57
CA TYR A 127 8.33 -13.97 1.67
C TYR A 127 7.42 -12.78 1.80
N GLN A 128 6.99 -12.46 3.03
CA GLN A 128 6.16 -11.30 3.17
C GLN A 128 6.99 -10.22 3.78
N TRP A 129 6.94 -9.01 3.19
CA TRP A 129 7.69 -7.94 3.76
C TRP A 129 7.09 -7.56 5.06
N PHE A 130 5.74 -7.58 5.18
CA PHE A 130 5.16 -7.25 6.44
C PHE A 130 4.27 -8.37 6.86
N TYR A 131 4.03 -8.47 8.19
CA TYR A 131 3.05 -9.35 8.75
C TYR A 131 2.23 -8.49 9.66
N ASP A 132 0.90 -8.64 9.67
CA ASP A 132 0.25 -8.07 10.79
C ASP A 132 -0.28 -9.21 11.59
N GLY A 133 0.36 -9.50 12.73
CA GLY A 133 -0.23 -10.50 13.56
C GLY A 133 0.80 -11.50 13.91
N TYR A 134 0.54 -12.21 15.02
CA TYR A 134 1.52 -13.01 15.66
C TYR A 134 1.64 -14.30 14.93
N PRO A 135 2.87 -14.69 14.87
CA PRO A 135 3.24 -16.07 14.78
C PRO A 135 2.72 -16.83 15.97
N THR A 136 2.36 -16.19 17.11
CA THR A 136 2.05 -17.04 18.23
C THR A 136 0.61 -16.94 18.65
N PHE A 137 0.05 -18.13 18.96
CA PHE A 137 -1.31 -18.41 19.35
C PHE A 137 -1.59 -17.84 20.71
N GLY A 138 -0.63 -17.95 21.64
CA GLY A 138 -0.94 -17.88 23.05
C GLY A 138 -1.28 -16.47 23.39
N LYS A 139 -1.55 -16.23 24.70
CA LYS A 139 -2.11 -14.98 25.12
C LYS A 139 -1.13 -13.91 24.76
N HIS A 140 -1.66 -12.69 24.57
CA HIS A 140 -0.92 -11.66 23.91
C HIS A 140 -0.77 -10.51 24.87
N PRO A 141 0.30 -10.55 25.62
CA PRO A 141 0.61 -9.59 26.62
C PRO A 141 1.12 -8.33 26.00
N ILE A 142 1.26 -7.27 26.82
CA ILE A 142 2.01 -6.09 26.44
C ILE A 142 3.46 -6.46 26.28
N ASP A 143 3.97 -7.38 27.12
CA ASP A 143 5.37 -7.74 27.00
C ASP A 143 5.63 -8.42 25.69
N GLN A 144 4.79 -9.43 25.35
CA GLN A 144 5.02 -10.31 24.24
C GLN A 144 5.01 -9.47 23.01
N ASP A 145 4.40 -8.28 23.16
CA ASP A 145 3.72 -7.44 22.22
C ASP A 145 4.58 -7.10 21.04
N PHE A 146 5.89 -7.06 21.23
CA PHE A 146 6.79 -6.62 20.20
C PHE A 146 6.60 -7.54 19.02
N GLN A 147 6.09 -8.75 19.31
CA GLN A 147 6.06 -9.96 18.52
C GLN A 147 5.27 -9.90 17.22
N TYR A 148 4.34 -8.95 17.00
CA TYR A 148 3.38 -8.99 15.91
C TYR A 148 4.12 -9.24 14.63
N GLY A 149 5.20 -8.47 14.38
CA GLY A 149 5.65 -8.21 13.05
C GLY A 149 6.03 -9.48 12.34
N MET A 150 6.60 -10.44 13.09
CA MET A 150 7.83 -11.08 12.70
C MET A 150 7.73 -11.76 11.36
N CYS A 151 6.68 -12.56 11.10
CA CYS A 151 6.63 -13.33 9.89
C CYS A 151 7.91 -14.06 9.67
N PRO A 152 8.10 -15.11 10.43
CA PRO A 152 9.33 -15.85 10.46
C PRO A 152 9.60 -16.43 9.11
N ASN A 153 8.59 -16.46 8.22
CA ASN A 153 8.81 -17.04 6.93
C ASN A 153 9.89 -16.23 6.29
N ASN A 154 9.85 -14.90 6.46
CA ASN A 154 10.86 -14.10 5.85
C ASN A 154 12.06 -14.16 6.75
N MET A 155 12.69 -15.35 6.83
CA MET A 155 13.90 -15.49 7.58
C MET A 155 14.83 -16.32 6.75
N MET A 156 15.81 -15.67 6.09
CA MET A 156 16.60 -16.37 5.13
C MET A 156 17.48 -17.40 5.79
N GLY A 157 18.16 -17.07 6.91
CA GLY A 157 19.06 -18.05 7.46
C GLY A 157 20.34 -17.36 7.79
N THR A 158 21.46 -18.12 7.90
CA THR A 158 22.70 -17.45 8.20
C THR A 158 23.71 -17.80 7.16
N PHE A 159 24.64 -16.86 6.91
CA PHE A 159 25.91 -17.23 6.34
C PHE A 159 26.81 -17.27 7.53
N CYS A 160 27.58 -18.36 7.69
CA CYS A 160 28.63 -18.30 8.67
C CYS A 160 29.88 -18.15 7.88
N VAL A 161 30.75 -17.23 8.31
CA VAL A 161 31.97 -17.10 7.57
C VAL A 161 33.08 -17.44 8.51
N ARG A 162 33.96 -18.37 8.07
CA ARG A 162 35.01 -18.84 8.92
C ARG A 162 36.32 -18.46 8.31
N MET A 163 37.27 -18.06 9.16
CA MET A 163 38.66 -17.93 8.80
C MET A 163 39.35 -19.20 9.20
N ILE A 164 40.51 -19.49 8.58
CA ILE A 164 41.28 -20.68 8.84
C ILE A 164 41.89 -20.67 10.21
N GLY A 165 42.48 -19.52 10.64
CA GLY A 165 43.47 -19.57 11.68
C GLY A 165 42.87 -20.02 12.98
N GLY A 166 43.60 -20.89 13.71
CA GLY A 166 43.32 -21.15 15.09
C GLY A 166 43.60 -19.90 15.86
N GLY A 167 44.70 -19.20 15.52
CA GLY A 167 45.10 -18.06 16.28
C GLY A 167 44.35 -16.88 15.76
N LYS A 168 44.63 -15.69 16.32
CA LYS A 168 44.04 -14.48 15.83
C LYS A 168 44.72 -14.14 14.54
N PRO A 169 44.01 -13.42 13.73
CA PRO A 169 44.46 -13.00 12.43
C PRO A 169 45.59 -12.04 12.61
N THR A 170 46.51 -11.94 11.64
CA THR A 170 47.37 -10.80 11.56
C THR A 170 46.61 -9.62 11.01
N GLN A 171 45.78 -9.85 9.96
CA GLN A 171 45.33 -8.73 9.19
C GLN A 171 43.83 -8.69 9.22
N SER A 172 43.25 -7.49 8.97
CA SER A 172 41.86 -7.30 9.26
C SER A 172 41.09 -7.46 8.01
N VAL A 173 39.89 -8.07 8.14
CA VAL A 173 39.11 -8.32 6.97
C VAL A 173 37.72 -7.83 7.24
N THR A 174 37.08 -7.27 6.21
CA THR A 174 35.69 -6.92 6.28
C THR A 174 35.08 -7.50 5.06
N ILE A 175 33.77 -7.83 5.11
CA ILE A 175 33.17 -8.40 3.94
C ILE A 175 32.01 -7.53 3.57
N ARG A 176 31.87 -7.29 2.25
CA ARG A 176 30.67 -6.69 1.75
C ARG A 176 30.06 -7.70 0.84
N ILE A 177 28.72 -7.82 0.87
CA ILE A 177 28.12 -8.80 0.01
C ILE A 177 27.14 -8.08 -0.85
N TYR A 178 27.01 -8.55 -2.11
CA TYR A 178 26.08 -7.93 -3.02
C TYR A 178 25.14 -8.99 -3.44
N MET A 179 23.85 -8.62 -3.62
CA MET A 179 22.93 -9.58 -4.12
C MET A 179 22.36 -9.05 -5.39
N ARG A 180 22.19 -9.95 -6.37
CA ARG A 180 21.36 -9.66 -7.49
C ARG A 180 20.23 -10.62 -7.35
N LEU A 181 19.00 -10.23 -7.75
CA LEU A 181 18.00 -11.24 -7.72
C LEU A 181 17.96 -11.80 -9.10
N LYS A 182 18.11 -13.13 -9.22
CA LYS A 182 18.33 -13.71 -10.51
C LYS A 182 17.15 -13.38 -11.35
N HIS A 183 15.95 -13.64 -10.82
CA HIS A 183 14.77 -13.19 -11.49
C HIS A 183 13.69 -13.17 -10.46
N ILE A 184 12.82 -12.15 -10.51
CA ILE A 184 11.75 -12.10 -9.56
C ILE A 184 10.48 -12.07 -10.32
N ARG A 185 9.50 -12.86 -9.87
CA ARG A 185 8.17 -12.60 -10.31
C ARG A 185 7.47 -12.01 -9.14
N ALA A 186 7.04 -10.74 -9.25
CA ALA A 186 6.32 -10.15 -8.16
C ALA A 186 5.08 -9.57 -8.75
N TRP A 187 3.93 -9.83 -8.11
CA TRP A 187 2.78 -9.08 -8.53
C TRP A 187 1.90 -8.92 -7.34
N VAL A 188 1.58 -7.66 -7.00
CA VAL A 188 0.49 -7.38 -6.12
C VAL A 188 0.42 -5.90 -6.03
N PRO A 189 -0.75 -5.34 -6.04
CA PRO A 189 -0.92 -3.94 -5.80
C PRO A 189 -0.45 -3.68 -4.42
N ARG A 190 0.50 -2.75 -4.23
CA ARG A 190 0.83 -2.37 -2.89
C ARG A 190 1.52 -1.04 -2.95
N PRO A 191 1.08 -0.14 -2.15
CA PRO A 191 1.55 1.22 -2.18
C PRO A 191 2.95 1.27 -1.66
N LEU A 192 3.80 2.16 -2.21
CA LEU A 192 4.95 2.59 -1.49
C LEU A 192 4.48 3.72 -0.63
N ARG A 193 5.13 3.95 0.53
CA ARG A 193 4.59 4.94 1.40
C ARG A 193 5.63 5.97 1.69
N SER A 194 5.18 7.24 1.81
CA SER A 194 5.98 8.24 2.47
C SER A 194 5.10 8.79 3.55
N GLN A 195 5.62 8.82 4.79
CA GLN A 195 4.79 9.23 5.87
C GLN A 195 5.66 9.64 7.01
N ASN A 196 5.05 10.00 8.15
CA ASN A 196 5.77 10.42 9.31
C ASN A 196 6.34 9.21 9.96
N TYR A 197 7.10 9.41 11.06
CA TYR A 197 7.96 8.37 11.56
C TYR A 197 7.25 7.67 12.67
N THR A 198 6.70 6.47 12.39
CA THR A 198 6.69 5.49 13.43
C THR A 198 8.12 5.09 13.61
N MET A 199 8.79 4.82 12.47
CA MET A 199 10.17 4.43 12.46
C MET A 199 10.65 4.64 11.07
N ARG A 200 11.83 4.08 10.73
CA ARG A 200 12.39 4.30 9.44
C ARG A 200 11.43 3.77 8.43
N ASN A 201 11.02 4.65 7.49
CA ASN A 201 10.26 4.29 6.33
C ASN A 201 9.12 3.42 6.73
N TYR A 202 8.38 3.80 7.78
CA TYR A 202 7.44 2.82 8.23
C TYR A 202 6.04 3.33 8.10
N PRO A 203 5.33 2.58 7.33
CA PRO A 203 3.92 2.45 7.51
C PRO A 203 3.81 1.90 8.90
N ASN A 204 2.72 2.26 9.63
CA ASN A 204 2.51 1.85 10.99
C ASN A 204 3.10 2.94 11.91
N SER B 1 -17.91 4.28 -20.85
CA SER B 1 -17.23 4.46 -19.54
C SER B 1 -18.23 4.61 -18.45
N PRO B 2 -17.76 4.56 -17.25
CA PRO B 2 -18.59 4.58 -16.09
C PRO B 2 -19.25 5.92 -16.03
N THR B 3 -20.41 6.03 -15.37
CA THR B 3 -21.07 7.30 -15.33
C THR B 3 -20.19 8.20 -14.53
N ALA B 4 -19.92 9.41 -15.08
CA ALA B 4 -18.98 10.28 -14.45
C ALA B 4 -19.51 10.68 -13.11
N GLU B 5 -20.80 11.04 -13.04
CA GLU B 5 -21.26 11.74 -11.89
C GLU B 5 -21.10 10.88 -10.68
N ALA B 6 -21.65 9.65 -10.73
CA ALA B 6 -21.89 8.98 -9.50
C ALA B 6 -20.61 8.48 -8.95
N CYS B 7 -20.41 8.64 -7.63
CA CYS B 7 -19.59 7.72 -6.91
C CYS B 7 -20.37 6.45 -6.96
N GLY B 8 -21.69 6.56 -6.70
CA GLY B 8 -22.64 5.53 -6.98
C GLY B 8 -22.27 4.32 -6.19
N TYR B 9 -22.24 3.16 -6.87
CA TYR B 9 -22.69 3.15 -8.23
C TYR B 9 -24.17 3.37 -8.27
N SER B 10 -24.92 2.57 -7.49
CA SER B 10 -26.00 1.92 -8.15
C SER B 10 -27.31 2.53 -7.76
N ASP B 11 -27.95 3.23 -8.71
CA ASP B 11 -29.36 3.44 -8.63
C ASP B 11 -30.01 2.11 -8.87
N ARG B 12 -29.49 1.37 -9.88
CA ARG B 12 -30.26 0.34 -10.50
C ARG B 12 -30.62 -0.70 -9.49
N VAL B 13 -29.61 -1.33 -8.84
CA VAL B 13 -29.89 -2.35 -7.88
C VAL B 13 -28.60 -3.00 -7.52
N ALA B 14 -28.63 -3.83 -6.47
CA ALA B 14 -27.66 -4.87 -6.30
C ALA B 14 -28.36 -5.97 -5.57
N GLN B 15 -28.02 -7.23 -5.86
CA GLN B 15 -28.58 -8.29 -5.08
C GLN B 15 -27.46 -9.16 -4.64
N LEU B 16 -27.44 -9.51 -3.35
CA LEU B 16 -26.45 -10.43 -2.89
C LEU B 16 -27.18 -11.66 -2.45
N THR B 17 -26.72 -12.84 -2.90
CA THR B 17 -27.40 -14.03 -2.49
C THR B 17 -26.42 -14.87 -1.76
N VAL B 18 -26.92 -15.58 -0.74
CA VAL B 18 -26.12 -16.47 0.05
C VAL B 18 -27.10 -17.45 0.63
N GLY B 19 -26.63 -18.46 1.36
CA GLY B 19 -27.55 -19.45 1.83
C GLY B 19 -28.44 -18.82 2.86
N ASN B 20 -29.75 -19.12 2.79
CA ASN B 20 -30.68 -18.73 3.80
C ASN B 20 -30.58 -17.26 4.01
N SER B 21 -30.28 -16.52 2.92
CA SER B 21 -30.39 -15.10 2.99
C SER B 21 -30.32 -14.62 1.58
N THR B 22 -31.14 -13.61 1.24
CA THR B 22 -30.87 -12.85 0.07
C THR B 22 -31.07 -11.44 0.46
N ILE B 23 -30.20 -10.53 -0.04
CA ILE B 23 -30.44 -9.16 0.26
C ILE B 23 -30.43 -8.42 -1.04
N THR B 24 -31.41 -7.53 -1.23
CA THR B 24 -31.39 -6.70 -2.39
C THR B 24 -31.50 -5.30 -1.91
N THR B 25 -30.77 -4.36 -2.53
CA THR B 25 -30.96 -2.99 -2.18
C THR B 25 -31.07 -2.21 -3.44
N GLN B 26 -32.08 -1.32 -3.52
CA GLN B 26 -32.17 -0.45 -4.64
C GLN B 26 -30.99 0.47 -4.59
N GLU B 27 -30.71 1.01 -3.38
CA GLU B 27 -29.59 1.88 -3.26
C GLU B 27 -28.42 1.02 -2.99
N ALA B 28 -27.63 0.72 -4.04
CA ALA B 28 -26.63 -0.30 -3.93
C ALA B 28 -25.46 0.19 -4.69
N ALA B 29 -24.36 -0.57 -4.65
CA ALA B 29 -23.23 -0.24 -5.46
C ALA B 29 -23.07 -1.35 -6.44
N ASN B 30 -22.58 -1.03 -7.65
CA ASN B 30 -22.27 -2.08 -8.57
C ASN B 30 -21.09 -2.77 -7.99
N VAL B 31 -21.02 -4.11 -8.18
CA VAL B 31 -19.99 -4.84 -7.51
C VAL B 31 -18.70 -4.54 -8.18
N ILE B 32 -17.64 -4.37 -7.37
CA ILE B 32 -16.32 -4.30 -7.91
C ILE B 32 -15.60 -5.49 -7.37
N VAL B 33 -14.94 -6.25 -8.26
CA VAL B 33 -14.38 -7.49 -7.83
C VAL B 33 -12.90 -7.31 -7.69
N ALA B 34 -12.31 -7.88 -6.63
CA ALA B 34 -10.94 -7.55 -6.31
C ALA B 34 -10.05 -8.12 -7.36
N TYR B 35 -9.15 -7.27 -7.90
CA TYR B 35 -8.07 -7.69 -8.74
C TYR B 35 -8.60 -8.51 -9.86
N GLY B 36 -9.90 -8.37 -10.17
CA GLY B 36 -10.43 -9.05 -11.32
C GLY B 36 -10.39 -10.53 -11.04
N GLU B 37 -10.53 -10.92 -9.76
CA GLU B 37 -10.57 -12.32 -9.44
C GLU B 37 -11.94 -12.58 -8.90
N TRP B 38 -12.29 -13.86 -8.66
CA TRP B 38 -13.50 -14.17 -7.96
C TRP B 38 -13.20 -15.31 -7.04
N PRO B 39 -13.83 -15.34 -5.90
CA PRO B 39 -13.38 -16.17 -4.84
C PRO B 39 -13.52 -17.59 -5.27
N GLN B 40 -12.56 -18.46 -4.92
CA GLN B 40 -12.64 -19.82 -5.35
C GLN B 40 -12.45 -20.71 -4.18
N TYR B 41 -12.45 -22.02 -4.44
CA TYR B 41 -12.33 -23.04 -3.43
C TYR B 41 -10.98 -23.64 -3.65
N CYS B 42 -10.25 -23.93 -2.56
CA CYS B 42 -8.85 -24.21 -2.68
C CYS B 42 -8.68 -25.49 -3.44
N PRO B 43 -7.75 -25.44 -4.36
CA PRO B 43 -7.46 -26.52 -5.25
C PRO B 43 -6.80 -27.62 -4.49
N ASP B 44 -6.83 -28.86 -5.04
CA ASP B 44 -6.18 -29.96 -4.39
C ASP B 44 -4.71 -29.70 -4.38
N THR B 45 -4.17 -29.19 -5.51
CA THR B 45 -2.76 -28.98 -5.60
C THR B 45 -2.41 -27.97 -4.56
N ASP B 46 -3.30 -26.98 -4.40
CA ASP B 46 -3.07 -25.87 -3.52
C ASP B 46 -3.00 -26.37 -2.10
N ALA B 47 -3.84 -27.37 -1.73
CA ALA B 47 -4.06 -27.63 -0.34
C ALA B 47 -3.13 -28.68 0.17
N THR B 48 -2.40 -28.34 1.26
CA THR B 48 -1.54 -29.22 2.00
C THR B 48 -2.32 -30.16 2.86
N ALA B 49 -3.51 -29.74 3.34
CA ALA B 49 -4.05 -30.12 4.62
C ALA B 49 -4.24 -31.61 4.75
N VAL B 50 -4.80 -32.26 3.72
CA VAL B 50 -5.04 -33.68 3.77
C VAL B 50 -6.15 -34.01 4.73
N ASP B 51 -6.96 -33.01 5.14
CA ASP B 51 -8.16 -33.34 5.83
C ASP B 51 -9.30 -32.86 4.99
N LYS B 52 -10.40 -33.64 4.91
CA LYS B 52 -11.49 -33.17 4.12
C LYS B 52 -12.09 -32.01 4.84
N PRO B 53 -12.11 -30.90 4.17
CA PRO B 53 -12.58 -29.66 4.72
C PRO B 53 -14.06 -29.75 4.84
N THR B 54 -14.69 -28.90 5.67
CA THR B 54 -16.12 -28.87 5.67
C THR B 54 -16.52 -27.59 5.02
N ARG B 55 -17.47 -27.67 4.05
CA ARG B 55 -17.87 -26.47 3.40
C ARG B 55 -19.34 -26.29 3.62
N PRO B 56 -19.80 -26.03 4.80
CA PRO B 56 -21.15 -25.63 4.99
C PRO B 56 -21.31 -24.40 4.17
N ASP B 57 -21.95 -24.50 2.99
CA ASP B 57 -22.05 -23.33 2.17
C ASP B 57 -23.10 -22.36 2.65
N VAL B 58 -24.35 -22.81 2.85
CA VAL B 58 -25.39 -21.83 3.03
C VAL B 58 -25.28 -21.15 4.35
N SER B 59 -25.24 -21.92 5.45
CA SER B 59 -25.45 -21.34 6.73
C SER B 59 -24.35 -20.37 6.97
N VAL B 60 -23.13 -20.85 6.67
CA VAL B 60 -21.91 -20.14 6.78
C VAL B 60 -21.94 -18.99 5.80
N ASN B 61 -22.16 -19.27 4.51
CA ASN B 61 -22.03 -18.23 3.53
C ASN B 61 -23.33 -17.51 3.49
N ARG B 62 -23.45 -16.37 4.18
CA ARG B 62 -24.71 -15.70 4.02
C ARG B 62 -24.66 -14.36 4.68
N PHE B 63 -25.85 -13.77 4.92
CA PHE B 63 -25.82 -12.39 5.26
C PHE B 63 -25.83 -12.19 6.72
N TYR B 64 -24.79 -11.46 7.15
CA TYR B 64 -24.65 -11.01 8.50
C TYR B 64 -24.71 -9.53 8.43
N THR B 65 -25.62 -8.92 9.21
CA THR B 65 -25.59 -7.49 9.30
C THR B 65 -24.90 -7.20 10.58
N LEU B 66 -23.55 -7.15 10.52
CA LEU B 66 -22.79 -7.19 11.74
C LEU B 66 -23.07 -5.96 12.54
N ASP B 67 -22.97 -4.78 11.92
CA ASP B 67 -23.01 -3.61 12.75
C ASP B 67 -23.55 -2.46 11.97
N THR B 68 -24.05 -1.44 12.70
CA THR B 68 -24.36 -0.18 12.10
C THR B 68 -23.59 0.85 12.87
N LYS B 69 -23.07 1.87 12.18
CA LYS B 69 -22.50 2.98 12.89
C LYS B 69 -23.08 4.21 12.29
N ASP B 70 -23.52 5.16 13.14
CA ASP B 70 -24.08 6.37 12.61
C ASP B 70 -22.94 7.21 12.13
N TRP B 71 -23.22 8.11 11.16
CA TRP B 71 -22.15 8.92 10.67
C TRP B 71 -22.46 10.34 11.01
N SER B 72 -21.44 11.05 11.53
CA SER B 72 -21.58 12.44 11.85
C SER B 72 -21.19 13.21 10.64
N SER B 73 -21.02 14.54 10.81
CA SER B 73 -20.57 15.34 9.72
C SER B 73 -19.27 14.75 9.27
N SER B 74 -18.34 14.57 10.22
CA SER B 74 -17.15 13.83 9.95
C SER B 74 -17.02 12.85 11.07
N SER B 75 -16.38 11.70 10.81
CA SER B 75 -16.20 10.78 11.89
C SER B 75 -14.88 10.11 11.68
N LYS B 76 -14.27 9.62 12.78
CA LYS B 76 -13.09 8.82 12.61
C LYS B 76 -13.57 7.48 12.16
N GLY B 77 -12.89 6.90 11.16
CA GLY B 77 -13.36 5.66 10.63
C GLY B 77 -12.94 4.57 11.55
N TRP B 78 -13.62 3.42 11.46
CA TRP B 78 -13.18 2.25 12.16
C TRP B 78 -12.92 1.22 11.11
N TYR B 79 -11.98 0.29 11.34
CA TYR B 79 -11.93 -0.75 10.36
C TYR B 79 -11.99 -2.08 11.02
N TRP B 80 -12.44 -3.07 10.23
CA TRP B 80 -13.17 -4.22 10.67
C TRP B 80 -12.32 -5.40 10.32
N LYS B 81 -11.88 -6.19 11.33
CA LYS B 81 -11.05 -7.29 11.01
C LYS B 81 -11.92 -8.39 10.49
N PHE B 82 -11.52 -8.98 9.35
CA PHE B 82 -12.42 -9.87 8.66
C PHE B 82 -12.70 -11.07 9.50
N PRO B 83 -11.73 -11.81 9.93
CA PRO B 83 -11.99 -13.10 10.53
C PRO B 83 -12.76 -12.99 11.79
N ASP B 84 -12.42 -12.01 12.65
CA ASP B 84 -12.96 -11.95 13.97
C ASP B 84 -14.41 -11.63 13.89
N ILE B 85 -14.75 -10.67 13.02
CA ILE B 85 -16.04 -10.05 13.09
C ILE B 85 -17.07 -11.11 12.83
N LEU B 86 -16.86 -11.92 11.79
CA LEU B 86 -17.78 -12.98 11.54
C LEU B 86 -17.70 -13.93 12.68
N ALA B 87 -16.48 -14.08 13.24
CA ALA B 87 -16.22 -15.14 14.15
C ALA B 87 -17.16 -15.01 15.31
N GLU B 88 -17.41 -13.77 15.76
CA GLU B 88 -18.21 -13.59 16.94
C GLU B 88 -19.56 -14.19 16.66
N THR B 89 -20.13 -13.90 15.48
CA THR B 89 -21.44 -14.41 15.19
C THR B 89 -21.29 -15.81 14.69
N GLY B 90 -22.36 -16.61 14.80
CA GLY B 90 -22.36 -17.89 14.14
C GLY B 90 -22.98 -17.66 12.81
N VAL B 91 -23.22 -18.73 12.04
CA VAL B 91 -22.68 -20.03 12.28
C VAL B 91 -21.21 -19.93 12.01
N PHE B 92 -20.85 -19.07 11.04
CA PHE B 92 -19.54 -19.01 10.47
C PHE B 92 -18.58 -18.82 11.59
N GLY B 93 -18.87 -17.84 12.47
CA GLY B 93 -17.91 -17.44 13.44
C GLY B 93 -17.62 -18.59 14.34
N GLN B 94 -18.66 -19.34 14.74
CA GLN B 94 -18.44 -20.37 15.70
C GLN B 94 -17.49 -21.34 15.08
N ASN B 95 -17.73 -21.68 13.81
CA ASN B 95 -16.85 -22.61 13.16
C ASN B 95 -15.51 -21.98 13.06
N ALA B 96 -15.45 -20.67 12.76
CA ALA B 96 -14.18 -20.07 12.50
C ALA B 96 -13.34 -20.16 13.74
N GLN B 97 -13.94 -19.85 14.90
CA GLN B 97 -13.20 -19.87 16.13
C GLN B 97 -12.80 -21.29 16.37
N PHE B 98 -13.74 -22.21 16.10
CA PHE B 98 -13.56 -23.61 16.37
C PHE B 98 -12.39 -24.08 15.57
N HIS B 99 -12.37 -23.77 14.27
CA HIS B 99 -11.51 -24.43 13.35
C HIS B 99 -10.30 -23.60 13.13
N PHE B 100 -9.14 -24.26 13.03
CA PHE B 100 -7.87 -23.59 13.01
C PHE B 100 -7.77 -22.72 11.79
N LEU B 101 -8.04 -23.29 10.60
CA LEU B 101 -7.72 -22.56 9.42
C LEU B 101 -8.98 -22.02 8.84
N TYR B 102 -8.98 -20.71 8.53
CA TYR B 102 -10.05 -20.16 7.76
C TYR B 102 -9.44 -19.42 6.63
N ARG B 103 -9.91 -19.71 5.39
CA ARG B 103 -9.51 -18.90 4.29
C ARG B 103 -10.69 -18.80 3.37
N SER B 104 -11.06 -17.58 2.97
CA SER B 104 -12.09 -17.46 1.97
C SER B 104 -12.18 -16.02 1.60
N GLY B 105 -12.70 -15.75 0.39
CA GLY B 105 -13.06 -14.41 0.04
C GLY B 105 -14.46 -14.22 0.54
N PHE B 106 -14.95 -12.97 0.51
CA PHE B 106 -16.32 -12.75 0.87
C PHE B 106 -16.83 -11.61 0.06
N CYS B 107 -18.16 -11.46 0.00
CA CYS B 107 -18.74 -10.34 -0.69
C CYS B 107 -19.13 -9.36 0.37
N ILE B 108 -18.88 -8.06 0.10
CA ILE B 108 -19.16 -7.08 1.12
C ILE B 108 -20.17 -6.15 0.57
N HIS B 109 -21.17 -5.80 1.40
CA HIS B 109 -22.10 -4.78 1.02
C HIS B 109 -22.06 -3.75 2.11
N VAL B 110 -21.87 -2.49 1.73
CA VAL B 110 -22.02 -1.45 2.72
C VAL B 110 -23.13 -0.59 2.25
N GLN B 111 -24.06 -0.25 3.16
CA GLN B 111 -25.18 0.53 2.74
C GLN B 111 -25.42 1.56 3.79
N CYS B 112 -26.00 2.71 3.38
CA CYS B 112 -26.41 3.70 4.32
C CYS B 112 -27.86 3.90 4.08
N ASN B 113 -28.58 4.52 5.03
CA ASN B 113 -29.91 4.89 4.69
C ASN B 113 -29.74 5.85 3.57
N ALA B 114 -30.48 5.64 2.47
CA ALA B 114 -30.14 6.37 1.29
C ALA B 114 -30.37 7.81 1.57
N SER B 115 -29.37 8.65 1.25
CA SER B 115 -29.58 10.07 1.29
C SER B 115 -28.92 10.63 0.08
N LYS B 116 -29.64 11.48 -0.66
CA LYS B 116 -29.12 12.12 -1.83
C LYS B 116 -28.05 13.07 -1.39
N PHE B 117 -28.35 13.79 -0.30
CA PHE B 117 -27.64 14.99 0.06
C PHE B 117 -26.23 14.65 0.35
N HIS B 118 -26.00 13.47 0.99
CA HIS B 118 -24.73 13.13 1.57
C HIS B 118 -23.67 13.36 0.57
N GLN B 119 -22.51 13.80 1.07
CA GLN B 119 -21.43 14.21 0.24
C GLN B 119 -20.22 13.72 0.94
N GLY B 120 -19.03 14.25 0.58
CA GLY B 120 -17.89 13.97 1.40
C GLY B 120 -17.64 12.50 1.37
N ALA B 121 -17.27 11.97 0.19
CA ALA B 121 -17.21 10.56 -0.03
C ALA B 121 -16.32 9.95 1.00
N LEU B 122 -16.68 8.71 1.37
CA LEU B 122 -15.98 7.96 2.39
C LEU B 122 -15.22 6.89 1.67
N LEU B 123 -14.00 6.59 2.11
CA LEU B 123 -13.22 5.57 1.45
C LEU B 123 -13.48 4.28 2.14
N VAL B 124 -13.75 3.23 1.33
CA VAL B 124 -13.84 1.91 1.88
C VAL B 124 -12.79 1.10 1.20
N ALA B 125 -12.09 0.24 1.96
CA ALA B 125 -11.06 -0.54 1.35
C ALA B 125 -10.92 -1.79 2.15
N VAL B 126 -10.35 -2.84 1.54
CA VAL B 126 -9.99 -4.02 2.26
C VAL B 126 -8.50 -4.11 2.18
N LEU B 127 -7.81 -4.45 3.28
CA LEU B 127 -6.41 -4.69 3.13
C LEU B 127 -6.08 -6.01 3.74
N PRO B 128 -5.41 -6.79 2.94
CA PRO B 128 -4.91 -8.06 3.34
C PRO B 128 -4.07 -8.00 4.57
N GLU B 129 -2.85 -7.44 4.45
CA GLU B 129 -1.91 -7.55 5.53
C GLU B 129 -2.34 -6.71 6.67
N TYR B 130 -2.72 -5.44 6.36
CA TYR B 130 -2.94 -4.33 7.27
C TYR B 130 -2.18 -4.54 8.55
N VAL B 131 -1.01 -3.87 8.74
CA VAL B 131 -0.17 -4.21 9.87
C VAL B 131 0.01 -3.03 10.78
N THR B 132 -0.61 -3.05 11.98
CA THR B 132 -0.81 -1.76 12.58
C THR B 132 0.46 -1.29 13.22
N GLY B 133 0.56 0.03 13.49
CA GLY B 133 1.77 0.60 14.00
C GLY B 133 1.40 1.76 14.89
N THR B 134 2.33 2.16 15.79
CA THR B 134 2.05 3.17 16.77
C THR B 134 2.97 4.33 16.53
N VAL B 135 2.68 5.46 17.19
CA VAL B 135 3.47 6.66 17.15
C VAL B 135 4.79 6.34 17.75
N SER B 136 4.83 5.33 18.64
CA SER B 136 6.06 4.96 19.28
C SER B 136 6.54 6.10 20.12
N GLY B 137 5.61 6.71 20.87
CA GLY B 137 5.99 7.65 21.87
C GLY B 137 6.11 8.97 21.19
N ASN B 138 5.99 8.93 19.86
CA ASN B 138 5.96 10.10 19.05
C ASN B 138 7.34 10.67 18.98
N THR B 139 8.24 10.25 19.90
CA THR B 139 9.64 10.49 19.71
C THR B 139 10.10 9.56 18.64
N GLY B 140 9.55 8.32 18.67
CA GLY B 140 9.95 7.30 17.74
C GLY B 140 10.88 6.38 18.46
N HIS B 141 11.35 6.81 19.64
CA HIS B 141 12.20 6.01 20.48
C HIS B 141 11.43 4.83 20.97
N GLU B 142 10.13 5.02 21.24
CA GLU B 142 9.36 4.15 22.10
C GLU B 142 9.33 2.75 21.57
N ASN B 143 9.16 2.55 20.25
CA ASN B 143 9.08 1.19 19.79
C ASN B 143 7.95 0.49 20.50
N THR B 144 6.70 0.86 20.16
CA THR B 144 5.52 0.32 20.80
C THR B 144 4.63 -0.30 19.74
N HIS B 145 3.51 -0.92 20.17
CA HIS B 145 3.22 -2.24 19.69
C HIS B 145 1.80 -2.66 20.07
N PRO B 146 1.33 -3.83 19.64
CA PRO B 146 -0.07 -4.21 19.58
C PRO B 146 -0.85 -4.52 20.84
N PRO B 147 -2.10 -4.18 20.96
CA PRO B 147 -3.02 -4.89 21.84
C PRO B 147 -3.40 -6.23 21.27
N TYR B 148 -3.66 -7.25 22.13
CA TYR B 148 -4.33 -8.46 21.69
C TYR B 148 -5.73 -8.09 21.34
N ALA B 149 -6.36 -7.28 22.21
CA ALA B 149 -7.72 -6.91 21.98
C ALA B 149 -7.75 -6.19 20.67
N ALA B 150 -6.75 -5.32 20.44
CA ALA B 150 -6.71 -4.60 19.20
C ALA B 150 -6.60 -5.60 18.11
N THR B 151 -5.75 -6.63 18.32
CA THR B 151 -5.49 -7.53 17.25
C THR B 151 -6.79 -8.17 16.88
N GLN B 152 -7.56 -8.62 17.90
CA GLN B 152 -8.82 -9.23 17.60
C GLN B 152 -9.89 -8.30 18.07
N PRO B 153 -10.36 -7.47 17.18
CA PRO B 153 -11.44 -6.56 17.43
C PRO B 153 -12.69 -7.35 17.68
N GLY B 154 -12.74 -8.59 17.18
CA GLY B 154 -13.97 -9.32 17.24
C GLY B 154 -14.87 -8.74 16.19
N ALA B 155 -16.19 -8.82 16.44
CA ALA B 155 -17.19 -8.40 15.50
C ALA B 155 -17.03 -6.94 15.26
N THR B 156 -16.70 -6.19 16.34
CA THR B 156 -16.85 -4.76 16.32
C THR B 156 -16.04 -4.18 15.21
N GLY B 157 -14.82 -4.71 14.97
CA GLY B 157 -14.04 -4.12 13.91
C GLY B 157 -13.56 -2.79 14.40
N PHE B 158 -12.69 -2.83 15.43
CA PHE B 158 -12.32 -1.66 16.17
C PHE B 158 -11.75 -0.62 15.26
N GLU B 159 -12.08 0.65 15.57
CA GLU B 159 -11.80 1.76 14.73
C GLU B 159 -10.34 2.11 14.83
N LEU B 160 -9.85 2.80 13.78
CA LEU B 160 -8.54 3.36 13.76
C LEU B 160 -8.70 4.80 14.12
N THR B 161 -7.81 5.32 14.98
CA THR B 161 -7.95 6.69 15.39
C THR B 161 -7.77 7.59 14.21
N ASN B 162 -6.68 7.39 13.44
CA ASN B 162 -6.39 8.34 12.40
C ASN B 162 -6.32 7.63 11.09
N PRO B 163 -6.76 8.33 10.08
CA PRO B 163 -6.95 7.75 8.79
C PRO B 163 -5.68 7.19 8.20
N TYR B 164 -4.52 7.87 8.31
CA TYR B 164 -3.30 7.24 7.90
C TYR B 164 -2.93 6.19 8.87
N ILE B 165 -3.36 6.34 10.13
CA ILE B 165 -3.02 5.36 11.11
C ILE B 165 -3.54 4.08 10.58
N LEU B 166 -4.67 4.16 9.84
CA LEU B 166 -5.22 3.02 9.18
C LEU B 166 -4.13 2.41 8.37
N ASP B 167 -4.27 1.12 8.09
CA ASP B 167 -3.11 0.32 8.31
C ASP B 167 -2.29 0.22 7.04
N ALA B 168 -0.95 0.41 7.11
CA ALA B 168 -0.28 1.08 8.18
C ALA B 168 0.31 2.32 7.60
N GLY B 169 0.25 3.42 8.39
CA GLY B 169 1.11 4.54 8.13
C GLY B 169 0.80 5.05 6.77
N ILE B 170 -0.40 4.74 6.25
CA ILE B 170 -0.63 5.01 4.87
C ILE B 170 -1.57 6.17 4.77
N PRO B 171 -1.11 7.18 4.09
CA PRO B 171 -1.76 8.45 4.07
C PRO B 171 -3.07 8.28 3.40
N LEU B 172 -4.03 9.20 3.67
CA LEU B 172 -5.31 9.07 3.07
C LEU B 172 -5.12 9.16 1.60
N SER B 173 -4.25 10.09 1.16
CA SER B 173 -4.05 10.32 -0.24
C SER B 173 -3.57 9.06 -0.87
N GLN B 174 -2.47 8.50 -0.35
CA GLN B 174 -1.78 7.41 -0.97
C GLN B 174 -2.64 6.18 -0.94
N LEU B 175 -3.53 6.08 0.06
CA LEU B 175 -4.22 4.85 0.37
C LEU B 175 -4.96 4.42 -0.86
N LEU B 176 -5.33 5.37 -1.72
CA LEU B 176 -6.16 5.11 -2.86
C LEU B 176 -5.50 4.05 -3.68
N VAL B 177 -4.16 3.93 -3.58
CA VAL B 177 -3.43 3.01 -4.39
C VAL B 177 -4.05 1.66 -4.22
N CYS B 178 -4.32 1.25 -2.96
CA CYS B 178 -5.18 0.12 -2.83
C CYS B 178 -6.54 0.61 -3.22
N PRO B 179 -7.19 -0.11 -4.08
CA PRO B 179 -8.36 0.40 -4.73
C PRO B 179 -9.44 0.58 -3.71
N HIS B 180 -10.35 1.54 -3.92
CA HIS B 180 -11.43 1.71 -3.00
C HIS B 180 -12.69 1.71 -3.80
N GLN B 181 -13.81 1.36 -3.14
CA GLN B 181 -15.05 1.81 -3.65
C GLN B 181 -15.44 2.95 -2.77
N TRP B 182 -15.45 4.17 -3.32
CA TRP B 182 -15.77 5.29 -2.49
C TRP B 182 -17.25 5.33 -2.37
N ILE B 183 -17.77 5.78 -1.21
CA ILE B 183 -19.13 6.19 -1.23
C ILE B 183 -19.09 7.68 -1.13
N ASN B 184 -19.40 8.37 -2.24
CA ASN B 184 -19.50 9.80 -2.17
C ASN B 184 -20.67 10.06 -1.29
N LEU B 185 -21.72 9.22 -1.47
CA LEU B 185 -22.97 9.39 -0.81
C LEU B 185 -23.65 10.55 -1.46
N ARG B 186 -22.98 11.17 -2.45
CA ARG B 186 -23.59 12.20 -3.22
C ARG B 186 -24.73 11.56 -3.94
N THR B 187 -24.48 10.36 -4.47
CA THR B 187 -25.54 9.53 -4.94
C THR B 187 -25.92 8.68 -3.79
N ASN B 188 -26.64 7.57 -4.05
CA ASN B 188 -27.00 6.71 -2.97
C ASN B 188 -25.71 6.23 -2.39
N ASN B 189 -25.66 6.08 -1.06
CA ASN B 189 -24.42 5.68 -0.46
C ASN B 189 -24.49 4.21 -0.26
N CYS B 190 -23.85 3.46 -1.18
CA CYS B 190 -23.76 2.03 -1.03
C CYS B 190 -22.52 1.62 -1.73
N ALA B 191 -21.89 0.52 -1.25
CA ALA B 191 -20.76 0.00 -1.97
C ALA B 191 -20.91 -1.48 -1.99
N THR B 192 -20.51 -2.12 -3.11
CA THR B 192 -20.45 -3.55 -3.11
C THR B 192 -19.08 -3.91 -3.60
N ILE B 193 -18.37 -4.74 -2.82
CA ILE B 193 -17.14 -5.24 -3.33
C ILE B 193 -17.12 -6.71 -3.06
N VAL B 194 -16.63 -7.48 -4.04
CA VAL B 194 -16.35 -8.86 -3.75
C VAL B 194 -14.87 -8.94 -3.73
N VAL B 195 -14.28 -9.41 -2.61
CA VAL B 195 -12.87 -9.56 -2.68
C VAL B 195 -12.54 -11.01 -2.54
N PRO B 196 -12.47 -11.64 -3.67
CA PRO B 196 -11.72 -12.85 -3.82
C PRO B 196 -10.32 -12.45 -3.54
N TYR B 197 -9.58 -13.19 -2.70
CA TYR B 197 -8.21 -12.80 -2.63
C TYR B 197 -7.35 -14.02 -2.60
N ILE B 198 -6.16 -13.91 -3.20
CA ILE B 198 -5.15 -14.90 -3.00
C ILE B 198 -4.29 -14.35 -1.92
N ASN B 199 -4.17 -15.08 -0.79
CA ASN B 199 -3.60 -14.47 0.37
C ASN B 199 -2.11 -14.51 0.24
N SER B 200 -1.44 -13.55 0.89
CA SER B 200 0.00 -13.52 0.84
C SER B 200 0.47 -14.79 1.47
N VAL B 201 0.08 -15.03 2.73
CA VAL B 201 0.51 -16.23 3.38
C VAL B 201 -0.35 -17.33 2.88
N PRO B 202 0.25 -18.43 2.56
CA PRO B 202 -0.45 -19.51 1.91
C PRO B 202 -1.54 -19.97 2.80
N PHE B 203 -1.34 -19.87 4.13
CA PHE B 203 -2.44 -20.14 5.01
C PHE B 203 -2.30 -19.24 6.19
N ASP B 204 -3.43 -18.70 6.66
CA ASP B 204 -3.44 -17.95 7.88
C ASP B 204 -4.50 -18.58 8.71
N SER B 205 -4.21 -18.80 10.01
CA SER B 205 -5.21 -19.41 10.84
C SER B 205 -6.38 -18.48 10.82
N ALA B 206 -6.10 -17.18 10.98
CA ALA B 206 -7.09 -16.14 11.07
C ALA B 206 -7.79 -16.29 12.38
N LEU B 207 -7.38 -17.31 13.15
CA LEU B 207 -7.75 -17.50 14.52
C LEU B 207 -7.11 -16.36 15.24
N ASN B 208 -5.96 -15.95 14.69
CA ASN B 208 -5.13 -14.94 15.24
C ASN B 208 -5.24 -13.76 14.32
N HIS B 209 -4.10 -13.33 13.76
CA HIS B 209 -4.07 -12.16 12.95
C HIS B 209 -5.06 -12.34 11.85
N CYS B 210 -5.87 -11.29 11.60
CA CYS B 210 -6.98 -11.40 10.71
C CYS B 210 -6.50 -11.34 9.29
N ASN B 211 -7.18 -12.09 8.41
CA ASN B 211 -6.79 -12.19 7.04
C ASN B 211 -6.94 -10.86 6.40
N PHE B 212 -8.04 -10.14 6.68
CA PHE B 212 -8.25 -8.88 6.03
C PHE B 212 -8.73 -7.92 7.07
N GLY B 213 -8.60 -6.61 6.78
CA GLY B 213 -9.25 -5.63 7.58
C GLY B 213 -9.99 -4.74 6.64
N LEU B 214 -11.27 -4.45 6.94
CA LEU B 214 -12.06 -3.65 6.05
C LEU B 214 -12.14 -2.29 6.64
N VAL B 215 -11.76 -1.26 5.87
CA VAL B 215 -11.59 0.03 6.49
C VAL B 215 -12.59 0.98 5.93
N VAL B 216 -13.04 1.93 6.76
CA VAL B 216 -13.92 2.96 6.29
C VAL B 216 -13.44 4.28 6.84
N ILE B 217 -12.94 5.19 5.96
CA ILE B 217 -12.50 6.47 6.42
C ILE B 217 -12.90 7.52 5.41
N PRO B 218 -13.60 8.56 5.88
CA PRO B 218 -14.15 9.60 5.05
C PRO B 218 -13.09 10.46 4.41
N VAL B 219 -13.07 10.59 3.07
CA VAL B 219 -12.23 11.57 2.43
C VAL B 219 -12.77 12.95 2.70
N SER B 220 -14.05 13.19 2.37
CA SER B 220 -14.53 14.54 2.32
C SER B 220 -15.55 14.71 3.39
N PRO B 221 -15.53 15.86 4.01
CA PRO B 221 -16.36 16.11 5.16
C PRO B 221 -17.78 16.11 4.70
N LEU B 222 -18.71 15.59 5.52
CA LEU B 222 -20.08 15.77 5.17
C LEU B 222 -20.38 17.20 5.46
N GLY B 223 -21.14 17.85 4.57
CA GLY B 223 -21.45 19.23 4.77
C GLY B 223 -22.90 19.37 4.50
N PHE B 224 -23.59 20.19 5.30
CA PHE B 224 -25.00 20.14 5.19
C PHE B 224 -25.55 21.27 5.98
N LEU B 225 -26.82 21.64 5.72
CA LEU B 225 -27.39 22.76 6.37
C LEU B 225 -27.77 22.37 7.75
N GLN B 226 -28.18 23.36 8.54
CA GLN B 226 -28.96 23.14 9.71
C GLN B 226 -30.21 22.45 9.21
N GLY B 227 -30.56 22.71 7.95
CA GLY B 227 -31.84 22.44 7.35
C GLY B 227 -32.22 20.98 7.42
N ALA B 228 -31.28 20.02 7.31
CA ALA B 228 -31.73 18.65 7.25
C ALA B 228 -30.83 17.75 8.01
N THR B 229 -31.23 16.46 8.04
CA THR B 229 -30.98 15.60 9.15
C THR B 229 -29.52 15.38 9.36
N PRO B 230 -29.27 15.50 10.61
CA PRO B 230 -27.95 15.43 11.20
C PRO B 230 -27.35 14.07 11.11
N THR B 231 -28.16 13.01 10.90
CA THR B 231 -27.64 11.68 11.13
C THR B 231 -27.93 10.83 9.94
N ILE B 232 -27.00 9.91 9.60
CA ILE B 232 -27.43 8.77 8.83
C ILE B 232 -26.56 7.61 9.21
N PRO B 233 -27.27 6.53 9.43
CA PRO B 233 -26.49 5.38 9.82
C PRO B 233 -25.73 4.83 8.65
N ILE B 234 -24.61 4.13 8.88
CA ILE B 234 -24.00 3.35 7.86
C ILE B 234 -23.95 1.94 8.37
N THR B 235 -24.42 0.97 7.56
CA THR B 235 -24.45 -0.38 8.01
C THR B 235 -23.66 -1.20 7.04
N ILE B 236 -23.02 -2.28 7.53
CA ILE B 236 -22.25 -3.11 6.65
C ILE B 236 -22.78 -4.51 6.78
N THR B 237 -23.01 -5.17 5.64
CA THR B 237 -23.35 -6.56 5.65
C THR B 237 -22.37 -7.26 4.77
N VAL B 238 -21.94 -8.46 5.16
CA VAL B 238 -21.01 -9.17 4.33
C VAL B 238 -21.38 -10.62 4.35
N ALA B 239 -21.12 -11.31 3.22
CA ALA B 239 -21.29 -12.74 3.25
C ALA B 239 -20.05 -13.33 2.65
N PRO B 240 -19.49 -14.24 3.37
CA PRO B 240 -18.27 -14.89 2.96
C PRO B 240 -18.57 -15.83 1.83
N MET B 241 -17.57 -16.11 0.99
CA MET B 241 -17.68 -17.16 0.02
C MET B 241 -17.37 -18.42 0.76
N ASN B 242 -17.51 -19.58 0.07
CA ASN B 242 -17.37 -20.82 0.76
C ASN B 242 -15.98 -20.85 1.31
N SER B 243 -15.88 -21.03 2.64
CA SER B 243 -14.59 -20.99 3.28
C SER B 243 -14.06 -22.38 3.33
N GLU B 244 -12.76 -22.49 3.66
CA GLU B 244 -12.16 -23.76 3.89
C GLU B 244 -11.60 -23.72 5.28
N PHE B 245 -11.88 -24.77 6.09
CA PHE B 245 -11.26 -24.85 7.38
C PHE B 245 -10.74 -26.23 7.55
N SER B 246 -9.70 -26.38 8.39
CA SER B 246 -9.13 -27.66 8.70
C SER B 246 -8.87 -27.66 10.16
N GLY B 247 -8.55 -28.84 10.74
CA GLY B 247 -8.43 -28.88 12.17
C GLY B 247 -9.81 -28.76 12.77
N LEU B 248 -10.49 -29.90 12.97
CA LEU B 248 -11.77 -29.98 13.62
C LEU B 248 -11.75 -29.62 15.10
N ARG B 249 -10.87 -30.26 15.90
CA ARG B 249 -10.66 -30.12 17.34
C ARG B 249 -11.80 -29.59 18.17
N GLN B 250 -11.42 -29.11 19.38
CA GLN B 250 -12.24 -28.47 20.39
C GLN B 250 -12.46 -27.04 19.99
N ALA B 251 -13.27 -26.29 20.77
CA ALA B 251 -13.57 -24.94 20.42
C ALA B 251 -12.69 -24.03 21.23
N VAL B 252 -12.02 -23.07 20.56
CA VAL B 252 -11.36 -22.01 21.27
C VAL B 252 -11.67 -20.71 20.59
N THR B 253 -11.98 -19.67 21.38
CA THR B 253 -12.17 -18.36 20.82
C THR B 253 -10.85 -17.90 20.31
N GLN B 254 -9.80 -18.13 21.12
CA GLN B 254 -8.48 -17.62 20.92
C GLN B 254 -8.49 -16.20 20.33
N ARG C 1 3.42 -5.44 -11.74
CA ARG C 1 4.87 -5.43 -11.43
C ARG C 1 5.49 -4.19 -11.96
N ASN C 2 5.11 -3.80 -13.18
CA ASN C 2 5.71 -2.64 -13.78
C ASN C 2 5.33 -1.46 -12.95
N LEU C 3 6.24 -0.48 -12.88
CA LEU C 3 6.04 0.72 -12.12
C LEU C 3 4.89 1.45 -12.75
N LEU C 4 4.79 1.35 -14.08
CA LEU C 4 3.82 2.11 -14.82
C LEU C 4 2.47 1.75 -14.28
N GLU C 5 2.28 0.47 -13.91
CA GLU C 5 1.01 0.04 -13.43
C GLU C 5 0.67 0.88 -12.25
N LEU C 6 1.68 1.15 -11.39
CA LEU C 6 1.46 1.96 -10.23
C LEU C 6 1.06 3.33 -10.68
N CYS C 7 1.67 3.79 -11.79
CA CYS C 7 1.46 5.15 -12.23
C CYS C 7 0.00 5.33 -12.50
N GLN C 8 -0.64 4.28 -13.05
CA GLN C 8 -2.00 4.38 -13.49
C GLN C 8 -2.85 4.71 -12.30
N ILE C 9 -2.48 4.16 -11.13
CA ILE C 9 -3.30 4.09 -9.96
C ILE C 9 -4.02 5.38 -9.70
N ASP C 10 -5.25 5.24 -9.19
CA ASP C 10 -6.25 6.26 -9.05
C ASP C 10 -5.77 7.31 -8.10
N THR C 11 -4.86 6.92 -7.18
CA THR C 11 -4.59 7.63 -5.95
C THR C 11 -4.40 9.10 -6.24
N ILE C 12 -4.70 9.91 -5.20
CA ILE C 12 -5.12 11.27 -5.37
C ILE C 12 -3.97 12.20 -5.16
N MET C 13 -3.87 13.21 -6.04
CA MET C 13 -2.89 14.24 -5.89
C MET C 13 -3.63 15.51 -5.60
N GLU C 14 -3.06 16.36 -4.73
CA GLU C 14 -3.72 17.56 -4.33
C GLU C 14 -3.62 18.56 -5.44
N VAL C 15 -4.65 19.43 -5.59
CA VAL C 15 -4.70 20.30 -6.71
C VAL C 15 -3.49 21.16 -6.69
N ASN C 16 -3.27 21.86 -5.56
CA ASN C 16 -2.17 22.75 -5.45
C ASN C 16 -1.54 22.45 -4.15
N ASN C 17 -0.22 22.67 -4.04
CA ASN C 17 0.37 22.37 -2.77
C ASN C 17 0.12 23.55 -1.89
N LEU C 18 -0.89 23.40 -1.01
CA LEU C 18 -1.15 24.38 0.00
C LEU C 18 -1.07 23.65 1.29
N THR C 19 -0.14 24.04 2.18
CA THR C 19 -0.03 23.24 3.35
C THR C 19 -0.62 23.98 4.49
N THR C 20 -1.86 23.64 4.86
CA THR C 20 -2.36 24.07 6.12
C THR C 20 -1.53 23.38 7.15
N ASN C 21 -1.35 22.07 6.97
CA ASN C 21 -0.48 21.32 7.81
C ASN C 21 0.41 20.52 6.93
N GLU C 22 1.68 20.33 7.33
CA GLU C 22 2.52 19.42 6.63
C GLU C 22 1.96 18.06 6.84
N ALA C 23 1.51 17.79 8.08
CA ALA C 23 1.16 16.46 8.48
C ALA C 23 0.04 15.98 7.62
N THR C 24 -0.99 16.83 7.41
CA THR C 24 -2.13 16.34 6.68
C THR C 24 -2.11 16.95 5.33
N PRO C 25 -1.94 16.08 4.37
CA PRO C 25 -2.00 16.40 2.98
C PRO C 25 -3.40 16.80 2.64
N MET C 26 -4.37 16.45 3.51
CA MET C 26 -5.75 16.53 3.16
C MET C 26 -6.12 17.94 2.90
N GLU C 27 -5.59 18.88 3.70
CA GLU C 27 -6.09 20.23 3.69
C GLU C 27 -5.93 20.78 2.32
N ARG C 28 -4.75 20.60 1.72
CA ARG C 28 -4.57 21.05 0.37
C ARG C 28 -5.44 20.22 -0.51
N LEU C 29 -5.59 18.92 -0.18
CA LEU C 29 -6.03 17.97 -1.14
C LEU C 29 -7.39 18.36 -1.65
N ARG C 30 -8.33 18.71 -0.75
CA ARG C 30 -9.62 19.05 -1.27
C ARG C 30 -9.63 20.51 -1.57
N ILE C 31 -10.24 20.90 -2.70
CA ILE C 31 -10.25 22.28 -3.09
C ILE C 31 -11.65 22.76 -3.03
N PRO C 32 -11.84 23.83 -2.34
CA PRO C 32 -13.14 24.36 -2.05
C PRO C 32 -13.74 24.85 -3.31
N VAL C 33 -15.08 24.75 -3.45
CA VAL C 33 -15.75 25.55 -4.44
C VAL C 33 -16.95 26.11 -3.75
N GLN C 34 -17.25 27.38 -4.02
CA GLN C 34 -18.29 28.00 -3.24
C GLN C 34 -19.10 28.83 -4.17
N VAL C 35 -20.30 29.24 -3.72
CA VAL C 35 -21.11 30.05 -4.57
C VAL C 35 -20.44 31.38 -4.63
N GLN C 36 -20.14 31.84 -5.86
CA GLN C 36 -19.51 33.11 -6.01
C GLN C 36 -20.11 33.75 -7.21
N THR C 37 -20.59 34.99 -7.04
CA THR C 37 -21.28 35.68 -8.08
C THR C 37 -20.32 36.11 -9.15
N GLN C 38 -19.02 36.28 -8.80
CA GLN C 38 -18.05 36.74 -9.76
C GLN C 38 -17.84 35.71 -10.83
N SER C 39 -17.30 36.16 -11.99
CA SER C 39 -17.38 35.38 -13.18
C SER C 39 -15.99 35.15 -13.73
N GLY C 40 -15.54 33.87 -13.67
CA GLY C 40 -14.25 33.47 -14.19
C GLY C 40 -13.16 33.56 -13.15
N GLU C 41 -13.50 33.39 -11.85
CA GLU C 41 -12.51 33.39 -10.82
C GLU C 41 -11.69 32.13 -10.92
N LEU C 42 -10.45 32.15 -10.38
CA LEU C 42 -9.54 31.05 -10.51
C LEU C 42 -9.78 30.09 -9.38
N CYS C 43 -10.21 28.85 -9.70
CA CYS C 43 -10.39 27.87 -8.67
C CYS C 43 -9.04 27.50 -8.11
N ALA C 44 -8.09 27.16 -9.01
CA ALA C 44 -6.84 26.63 -8.54
C ALA C 44 -5.93 26.55 -9.71
N ALA C 45 -4.61 26.40 -9.46
CA ALA C 45 -3.70 26.16 -10.53
C ALA C 45 -2.59 25.32 -9.99
N PHE C 46 -2.05 24.41 -10.82
CA PHE C 46 -0.83 23.78 -10.44
C PHE C 46 -0.05 23.51 -11.68
N LYS C 47 1.29 23.41 -11.54
CA LYS C 47 2.08 23.04 -12.67
C LYS C 47 1.70 21.65 -12.99
N ALA C 48 1.40 21.37 -14.27
CA ALA C 48 0.78 20.12 -14.61
C ALA C 48 1.71 19.02 -14.22
N ASP C 49 3.01 19.22 -14.48
CA ASP C 49 3.95 18.17 -14.24
C ASP C 49 3.89 17.84 -12.79
N PRO C 50 3.91 16.57 -12.49
CA PRO C 50 3.73 16.10 -11.16
C PRO C 50 4.82 16.57 -10.26
N GLY C 51 6.05 16.74 -10.79
CA GLY C 51 7.16 16.99 -9.93
C GLY C 51 7.00 18.30 -9.25
N LEU C 52 6.64 19.34 -10.02
CA LEU C 52 6.76 20.67 -9.51
C LEU C 52 5.83 20.86 -8.37
N ASP C 53 4.54 20.51 -8.56
CA ASP C 53 3.57 20.94 -7.59
C ASP C 53 3.89 20.29 -6.29
N GLY C 54 4.10 18.96 -6.31
CA GLY C 54 4.42 18.24 -5.12
C GLY C 54 3.32 17.29 -4.79
N PRO C 55 2.07 17.68 -4.75
CA PRO C 55 1.03 16.78 -4.35
C PRO C 55 0.99 15.65 -5.30
N TRP C 56 1.41 15.91 -6.55
CA TRP C 56 1.46 14.90 -7.55
C TRP C 56 2.49 13.91 -7.15
N GLN C 57 3.65 14.42 -6.71
CA GLN C 57 4.77 13.59 -6.37
C GLN C 57 4.34 12.74 -5.22
N SER C 58 3.57 13.34 -4.29
CA SER C 58 3.14 12.61 -3.14
C SER C 58 2.32 11.46 -3.65
N THR C 59 1.60 11.67 -4.76
CA THR C 59 0.78 10.63 -5.30
C THR C 59 1.71 9.63 -5.91
N MET C 60 1.17 8.45 -6.29
CA MET C 60 1.99 7.40 -6.80
C MET C 60 2.63 7.90 -8.05
N VAL C 61 1.86 8.59 -8.90
CA VAL C 61 2.37 8.99 -10.17
C VAL C 61 3.54 9.91 -9.93
N GLY C 62 3.36 10.88 -9.02
CA GLY C 62 4.38 11.85 -8.81
C GLY C 62 5.60 11.14 -8.32
N GLN C 63 5.39 10.15 -7.43
CA GLN C 63 6.49 9.50 -6.79
C GLN C 63 7.30 8.83 -7.86
N LEU C 64 6.62 8.12 -8.77
CA LEU C 64 7.28 7.36 -9.78
C LEU C 64 8.00 8.30 -10.70
N CYS C 65 7.38 9.45 -10.99
CA CYS C 65 7.96 10.38 -11.92
C CYS C 65 9.27 10.79 -11.35
N ARG C 66 9.31 10.96 -10.02
CA ARG C 66 10.53 11.36 -9.39
C ARG C 66 11.54 10.29 -9.67
N TYR C 67 11.09 9.02 -9.70
CA TYR C 67 12.03 7.93 -9.87
C TYR C 67 12.75 8.13 -11.15
N TYR C 68 11.98 8.33 -12.25
CA TYR C 68 12.58 8.21 -13.54
C TYR C 68 12.98 9.55 -14.00
N THR C 69 14.20 9.66 -14.56
CA THR C 69 14.58 10.94 -15.05
C THR C 69 13.66 11.27 -16.17
N GLN C 70 13.34 10.35 -17.09
CA GLN C 70 12.51 10.95 -18.10
C GLN C 70 11.18 10.28 -18.14
N TRP C 71 10.13 11.10 -18.35
CA TRP C 71 8.83 10.52 -18.51
C TRP C 71 8.23 11.10 -19.74
N SER C 72 7.51 10.25 -20.50
CA SER C 72 6.65 10.77 -21.52
C SER C 72 5.37 10.01 -21.38
N GLY C 73 4.23 10.71 -21.48
CA GLY C 73 2.98 10.02 -21.45
C GLY C 73 1.91 11.02 -21.17
N SER C 74 0.68 10.72 -21.64
CA SER C 74 -0.40 11.62 -21.37
C SER C 74 -0.79 11.39 -19.94
N LEU C 75 -0.96 12.47 -19.18
CA LEU C 75 -1.37 12.33 -17.81
C LEU C 75 -2.84 12.60 -17.78
N LYS C 76 -3.55 11.98 -16.84
CA LYS C 76 -4.97 12.20 -16.77
C LYS C 76 -5.27 12.69 -15.40
N ILE C 77 -6.13 13.71 -15.30
CA ILE C 77 -6.51 14.17 -13.99
C ILE C 77 -8.00 14.15 -13.90
N THR C 78 -8.54 13.38 -12.94
CA THR C 78 -9.96 13.32 -12.78
C THR C 78 -10.31 14.21 -11.62
N PHE C 79 -11.47 14.88 -11.70
CA PHE C 79 -11.91 15.71 -10.62
C PHE C 79 -13.26 15.22 -10.21
N MET C 80 -13.52 15.19 -8.88
CA MET C 80 -14.75 14.64 -8.40
C MET C 80 -15.44 15.69 -7.60
N PHE C 81 -16.77 15.84 -7.80
CA PHE C 81 -17.50 16.91 -7.20
C PHE C 81 -18.22 16.36 -6.01
N THR C 82 -17.67 16.65 -4.81
CA THR C 82 -18.13 16.15 -3.55
C THR C 82 -19.35 16.88 -3.05
N GLY C 83 -19.79 17.97 -3.71
CA GLY C 83 -20.85 18.77 -3.16
C GLY C 83 -22.13 17.97 -3.13
N SER C 84 -23.24 18.60 -2.67
CA SER C 84 -24.48 17.91 -2.49
C SER C 84 -25.20 17.81 -3.80
N PHE C 85 -26.22 16.92 -3.86
CA PHE C 85 -26.92 16.64 -5.09
C PHE C 85 -27.60 17.88 -5.51
N MET C 86 -28.17 18.61 -4.53
CA MET C 86 -29.02 19.72 -4.80
C MET C 86 -28.24 20.75 -5.55
N ALA C 87 -26.93 20.86 -5.24
CA ALA C 87 -26.06 21.87 -5.78
C ALA C 87 -25.89 21.67 -7.27
N THR C 88 -25.49 22.77 -7.97
CA THR C 88 -25.15 22.70 -9.36
C THR C 88 -24.17 23.81 -9.67
N GLY C 89 -23.35 23.68 -10.74
CA GLY C 89 -22.50 24.77 -11.13
C GLY C 89 -21.51 24.28 -12.17
N LYS C 90 -20.96 25.20 -12.99
CA LYS C 90 -20.18 24.75 -14.10
C LYS C 90 -18.79 25.30 -14.00
N MET C 91 -17.79 24.49 -14.43
CA MET C 91 -16.42 24.84 -14.22
C MET C 91 -15.66 24.65 -15.50
N LEU C 92 -14.44 25.23 -15.54
CA LEU C 92 -13.60 25.14 -16.70
C LEU C 92 -12.25 24.65 -16.24
N ILE C 93 -11.75 23.57 -16.86
CA ILE C 93 -10.46 23.06 -16.46
C ILE C 93 -9.58 23.09 -17.68
N ALA C 94 -8.44 23.79 -17.60
CA ALA C 94 -7.71 23.96 -18.82
C ALA C 94 -6.27 23.59 -18.61
N TYR C 95 -5.72 22.96 -19.66
CA TYR C 95 -4.33 22.68 -19.84
C TYR C 95 -3.82 23.84 -20.64
N THR C 96 -2.74 24.49 -20.18
CA THR C 96 -2.21 25.53 -21.03
C THR C 96 -0.97 24.99 -21.63
N PRO C 97 -0.99 24.94 -22.93
CA PRO C 97 0.01 24.20 -23.67
C PRO C 97 1.32 24.89 -23.49
N PRO C 98 2.40 24.18 -23.58
CA PRO C 98 3.68 24.76 -23.28
C PRO C 98 3.93 25.84 -24.27
N GLY C 99 4.68 26.88 -23.86
CA GLY C 99 4.93 28.00 -24.71
C GLY C 99 3.93 29.04 -24.33
N GLY C 100 2.81 28.61 -23.71
CA GLY C 100 1.90 29.55 -23.16
C GLY C 100 2.32 29.81 -21.75
N SER C 101 1.77 30.87 -21.14
CA SER C 101 1.90 31.06 -19.72
C SER C 101 0.58 30.68 -19.11
N LEU C 102 0.47 30.78 -17.78
CA LEU C 102 -0.81 30.55 -17.18
C LEU C 102 -1.66 31.71 -17.57
N PRO C 103 -2.85 31.42 -18.05
CA PRO C 103 -3.62 32.38 -18.77
C PRO C 103 -3.96 33.56 -17.91
N ALA C 104 -4.26 33.32 -16.62
CA ALA C 104 -4.64 34.38 -15.74
C ALA C 104 -5.84 35.07 -16.30
N ASN C 105 -6.56 34.41 -17.23
CA ASN C 105 -7.73 35.02 -17.78
C ASN C 105 -8.72 33.94 -18.04
N ARG C 106 -10.02 34.23 -17.87
CA ARG C 106 -11.01 33.27 -18.21
C ARG C 106 -10.92 33.04 -19.70
N MET C 107 -10.92 34.13 -20.47
CA MET C 107 -10.94 34.02 -21.89
C MET C 107 -9.66 33.40 -22.35
N GLN C 108 -8.52 33.85 -21.79
CA GLN C 108 -7.25 33.34 -22.25
C GLN C 108 -7.20 31.90 -21.92
N ALA C 109 -7.63 31.55 -20.69
CA ALA C 109 -7.51 30.20 -20.22
C ALA C 109 -8.36 29.32 -21.08
N MET C 110 -9.57 29.80 -21.41
CA MET C 110 -10.56 28.92 -21.97
C MET C 110 -10.07 28.37 -23.26
N LEU C 111 -9.44 29.22 -24.10
CA LEU C 111 -9.27 28.87 -25.48
C LEU C 111 -8.45 27.62 -25.56
N GLY C 112 -7.32 27.59 -24.82
CA GLY C 112 -6.29 26.58 -24.76
C GLY C 112 -6.79 25.22 -25.10
N THR C 113 -6.78 24.31 -24.11
CA THR C 113 -7.52 23.09 -24.24
C THR C 113 -8.37 23.02 -23.01
N HIS C 114 -9.70 22.90 -23.18
CA HIS C 114 -10.51 23.03 -22.01
C HIS C 114 -11.69 22.12 -22.15
N VAL C 115 -12.37 21.87 -21.01
CA VAL C 115 -13.63 21.21 -21.02
C VAL C 115 -14.54 22.05 -20.19
N ILE C 116 -15.85 21.97 -20.48
CA ILE C 116 -16.77 22.71 -19.66
C ILE C 116 -17.46 21.72 -18.78
N TRP C 117 -17.49 22.02 -17.47
CA TRP C 117 -18.04 21.11 -16.52
C TRP C 117 -19.44 21.59 -16.26
N ASP C 118 -20.40 20.66 -16.16
CA ASP C 118 -21.73 21.06 -15.80
C ASP C 118 -22.10 20.29 -14.58
N PHE C 119 -22.31 20.97 -13.43
CA PHE C 119 -22.62 20.25 -12.25
C PHE C 119 -24.07 19.92 -12.24
N GLY C 120 -24.37 18.69 -11.79
CA GLY C 120 -25.71 18.21 -11.77
C GLY C 120 -25.88 17.53 -13.09
N LEU C 121 -25.28 18.14 -14.12
CA LEU C 121 -25.16 17.49 -15.39
C LEU C 121 -24.26 16.31 -15.17
N GLN C 122 -23.08 16.59 -14.60
CA GLN C 122 -22.15 15.54 -14.30
C GLN C 122 -21.60 15.85 -12.95
N SER C 123 -21.62 14.86 -12.04
CA SER C 123 -21.00 15.08 -10.77
C SER C 123 -19.54 15.23 -11.02
N SER C 124 -18.97 14.34 -11.87
CA SER C 124 -17.55 14.40 -12.06
C SER C 124 -17.29 14.68 -13.50
N VAL C 125 -16.15 15.33 -13.79
CA VAL C 125 -15.74 15.56 -15.13
C VAL C 125 -14.33 15.09 -15.24
N THR C 126 -13.89 14.70 -16.44
CA THR C 126 -12.55 14.23 -16.58
C THR C 126 -11.80 15.16 -17.47
N LEU C 127 -10.71 15.74 -16.96
CA LEU C 127 -9.81 16.52 -17.76
C LEU C 127 -8.80 15.57 -18.34
N VAL C 128 -8.23 15.92 -19.50
CA VAL C 128 -7.18 15.10 -20.04
C VAL C 128 -6.04 15.99 -20.38
N VAL C 129 -4.80 15.48 -20.20
CA VAL C 129 -3.67 16.32 -20.50
C VAL C 129 -2.76 15.57 -21.41
N PRO C 130 -2.60 16.13 -22.57
CA PRO C 130 -1.87 15.49 -23.65
C PRO C 130 -0.41 15.56 -23.38
N TRP C 131 0.39 14.72 -24.09
CA TRP C 131 1.81 14.89 -24.06
C TRP C 131 2.13 15.73 -25.26
N ILE C 132 2.59 16.98 -25.02
CA ILE C 132 3.01 17.79 -26.12
C ILE C 132 4.42 18.16 -25.83
N SER C 133 5.36 17.79 -26.71
CA SER C 133 6.70 18.08 -26.34
C SER C 133 7.52 18.22 -27.58
N ASN C 134 8.55 19.09 -27.49
CA ASN C 134 9.54 19.18 -28.50
C ASN C 134 10.35 17.93 -28.46
N THR C 135 10.62 17.42 -27.24
CA THR C 135 11.52 16.31 -27.15
C THR C 135 10.73 15.08 -26.85
N HIS C 136 11.30 13.93 -27.26
CA HIS C 136 10.65 12.67 -27.14
C HIS C 136 10.48 12.36 -25.68
N TYR C 137 11.49 12.67 -24.84
CA TYR C 137 11.29 12.45 -23.44
C TYR C 137 11.63 13.71 -22.69
N ARG C 138 11.06 13.84 -21.46
CA ARG C 138 11.22 15.01 -20.65
C ARG C 138 11.91 14.58 -19.38
N SER C 139 12.68 15.50 -18.75
CA SER C 139 13.32 15.19 -17.51
C SER C 139 12.40 15.46 -16.35
N GLN C 140 12.63 14.71 -15.26
CA GLN C 140 11.77 14.56 -14.13
C GLN C 140 11.78 15.81 -13.31
N ALA C 141 12.97 16.32 -12.98
CA ALA C 141 12.99 17.41 -12.06
C ALA C 141 13.15 18.63 -12.87
N THR C 142 12.29 19.63 -12.64
CA THR C 142 12.35 20.77 -13.50
C THR C 142 12.97 21.88 -12.73
N GLY C 143 14.23 22.20 -13.10
CA GLY C 143 14.91 23.30 -12.51
C GLY C 143 14.59 24.50 -13.32
N SER C 144 15.17 25.64 -12.93
CA SER C 144 14.90 26.88 -13.60
C SER C 144 15.41 26.75 -14.99
N PHE C 145 16.48 25.97 -15.15
CA PHE C 145 17.25 25.89 -16.35
C PHE C 145 16.47 25.26 -17.47
N PHE C 146 15.74 24.16 -17.20
CA PHE C 146 15.30 23.33 -18.30
C PHE C 146 13.89 23.64 -18.66
N ASP C 147 13.71 24.30 -19.82
CA ASP C 147 12.44 24.50 -20.45
C ASP C 147 11.95 23.21 -21.01
N TYR C 148 12.86 22.42 -21.60
CA TYR C 148 12.46 21.27 -22.34
C TYR C 148 11.77 20.39 -21.36
N TYR C 149 12.24 20.42 -20.11
CA TYR C 149 11.67 19.65 -19.06
C TYR C 149 10.21 20.00 -18.94
N ALA C 150 9.87 21.31 -18.96
CA ALA C 150 8.62 21.80 -18.42
C ALA C 150 7.45 21.29 -19.21
N THR C 151 6.47 20.69 -18.50
CA THR C 151 5.22 20.21 -19.05
C THR C 151 4.27 21.33 -19.37
N GLY C 152 4.02 22.26 -18.42
CA GLY C 152 2.97 23.22 -18.63
C GLY C 152 2.22 23.44 -17.34
N ILE C 153 1.00 24.04 -17.42
CA ILE C 153 0.23 24.33 -16.24
C ILE C 153 -1.18 23.85 -16.42
N VAL C 154 -1.86 23.55 -15.30
CA VAL C 154 -3.27 23.25 -15.31
C VAL C 154 -3.92 24.30 -14.45
N SER C 155 -5.13 24.75 -14.85
CA SER C 155 -5.81 25.69 -14.00
C SER C 155 -7.28 25.39 -14.05
N LEU C 156 -7.97 25.61 -12.92
CA LEU C 156 -9.39 25.40 -12.84
C LEU C 156 -10.04 26.73 -12.65
N TRP C 157 -11.21 26.95 -13.27
CA TRP C 157 -11.89 28.21 -13.14
C TRP C 157 -13.36 27.95 -13.10
N TYR C 158 -14.16 28.99 -12.76
CA TYR C 158 -15.58 28.82 -12.66
C TYR C 158 -16.14 29.03 -14.02
N GLN C 159 -16.69 28.00 -14.68
CA GLN C 159 -17.31 28.45 -15.88
C GLN C 159 -18.51 29.27 -15.51
N THR C 160 -19.62 28.61 -15.07
CA THR C 160 -20.77 29.36 -14.64
C THR C 160 -20.70 29.83 -13.21
N ASN C 161 -20.54 28.90 -12.24
CA ASN C 161 -20.90 29.26 -10.89
C ASN C 161 -21.05 28.03 -10.05
N PHE C 162 -21.44 28.23 -8.77
CA PHE C 162 -21.85 27.17 -7.88
C PHE C 162 -23.14 27.61 -7.23
N VAL C 163 -24.17 26.75 -7.20
CA VAL C 163 -25.46 27.23 -6.77
C VAL C 163 -26.18 26.13 -6.05
N VAL C 164 -26.95 26.48 -4.98
CA VAL C 164 -27.52 25.48 -4.13
C VAL C 164 -28.71 26.07 -3.44
N PRO C 165 -29.76 25.32 -3.22
CA PRO C 165 -30.86 25.81 -2.44
C PRO C 165 -30.31 26.08 -1.08
N ILE C 166 -30.68 27.20 -0.44
CA ILE C 166 -30.29 27.32 0.93
C ILE C 166 -31.09 26.28 1.64
N GLY C 167 -30.52 25.65 2.69
CA GLY C 167 -30.97 24.35 3.05
C GLY C 167 -29.90 23.44 2.55
N ALA C 168 -28.97 24.02 1.78
CA ALA C 168 -27.83 23.33 1.29
C ALA C 168 -26.65 24.20 1.57
N PRO C 169 -25.54 23.55 1.67
CA PRO C 169 -24.31 24.16 2.08
C PRO C 169 -23.92 25.16 1.04
N THR C 170 -23.32 26.28 1.46
CA THR C 170 -22.77 27.21 0.52
C THR C 170 -21.58 26.57 -0.13
N THR C 171 -20.75 25.87 0.66
CA THR C 171 -19.43 25.54 0.19
C THR C 171 -19.32 24.06 0.01
N ALA C 172 -18.45 23.64 -0.94
CA ALA C 172 -18.30 22.26 -1.30
C ALA C 172 -16.86 22.04 -1.66
N TYR C 173 -16.48 20.76 -1.86
CA TYR C 173 -15.11 20.39 -2.10
C TYR C 173 -15.07 19.69 -3.43
N ILE C 174 -13.87 19.67 -4.05
CA ILE C 174 -13.66 18.79 -5.16
C ILE C 174 -12.42 18.03 -4.88
N VAL C 175 -12.38 16.75 -5.27
CA VAL C 175 -11.22 15.95 -4.96
C VAL C 175 -10.56 15.60 -6.25
N VAL C 176 -9.22 15.53 -6.24
CA VAL C 176 -8.54 15.39 -7.49
C VAL C 176 -7.85 14.08 -7.51
N LEU C 177 -8.05 13.32 -8.60
CA LEU C 177 -7.36 12.10 -8.81
C LEU C 177 -6.51 12.29 -10.01
N GLY C 178 -5.51 11.41 -10.21
CA GLY C 178 -4.69 11.53 -11.38
C GLY C 178 -4.04 10.21 -11.61
N SER C 179 -3.62 9.98 -12.87
CA SER C 179 -3.18 8.69 -13.29
C SER C 179 -2.36 8.90 -14.51
N ALA C 180 -1.82 7.83 -15.11
CA ALA C 180 -1.13 8.03 -16.35
C ALA C 180 -1.85 7.24 -17.39
N GLN C 181 -1.82 7.73 -18.64
CA GLN C 181 -2.58 7.12 -19.69
C GLN C 181 -1.92 5.81 -20.00
N LYS C 182 -2.57 5.00 -20.86
CA LYS C 182 -2.08 3.68 -21.11
C LYS C 182 -0.70 3.82 -21.64
N ASN C 183 -0.51 4.75 -22.57
CA ASN C 183 0.81 4.95 -23.08
C ASN C 183 1.46 5.98 -22.21
N PHE C 184 2.33 5.51 -21.31
CA PHE C 184 3.07 6.40 -20.46
C PHE C 184 4.34 5.67 -20.14
N THR C 185 5.49 6.33 -20.29
CA THR C 185 6.73 5.61 -20.13
C THR C 185 7.67 6.47 -19.35
N MET C 186 8.69 5.82 -18.73
CA MET C 186 9.68 6.54 -17.99
C MET C 186 11.02 5.93 -18.35
N ARG C 187 12.11 6.69 -18.11
CA ARG C 187 13.42 6.27 -18.49
C ARG C 187 14.38 6.83 -17.50
N LEU C 188 15.68 6.52 -17.70
CA LEU C 188 16.76 7.08 -16.94
C LEU C 188 16.45 7.03 -15.48
N CYS C 189 16.35 5.81 -14.93
CA CYS C 189 16.07 5.67 -13.53
C CYS C 189 17.20 6.30 -12.80
N ARG C 190 16.90 6.84 -11.61
CA ARG C 190 17.88 7.51 -10.82
C ARG C 190 17.81 6.92 -9.46
N ASP C 191 18.72 7.32 -8.56
CA ASP C 191 18.59 6.86 -7.21
C ASP C 191 17.31 7.42 -6.72
N THR C 192 16.72 6.79 -5.69
CA THR C 192 15.35 7.06 -5.39
C THR C 192 15.20 8.51 -5.07
N SER C 193 14.68 9.28 -6.04
CA SER C 193 14.34 10.64 -5.83
C SER C 193 13.15 10.63 -4.93
N GLU C 194 12.27 9.63 -5.13
CA GLU C 194 11.02 9.63 -4.46
C GLU C 194 11.28 9.61 -3.00
N LEU C 195 12.12 8.66 -2.55
CA LEU C 195 12.40 8.59 -1.15
C LEU C 195 13.88 8.62 -0.99
N THR C 196 14.36 9.42 -0.03
CA THR C 196 15.74 9.36 0.33
C THR C 196 15.74 8.80 1.72
N GLN C 197 16.65 7.86 1.99
CA GLN C 197 16.65 7.28 3.29
C GLN C 197 17.16 8.31 4.22
N ALA C 198 16.54 8.42 5.40
CA ALA C 198 16.98 9.42 6.33
C ALA C 198 18.38 9.09 6.66
N ALA C 199 18.64 7.79 6.93
CA ALA C 199 19.99 7.38 7.18
C ALA C 199 20.19 6.08 6.47
N GLU C 200 21.43 5.85 5.99
CA GLU C 200 21.77 4.57 5.45
C GLU C 200 22.20 3.73 6.60
N TYR C 201 22.30 2.40 6.38
CA TYR C 201 22.71 1.51 7.41
C TYR C 201 23.98 0.89 6.95
N GLN C 202 24.82 0.45 7.90
CA GLN C 202 26.04 -0.19 7.51
C GLN C 202 25.69 -1.35 6.60
#